data_7DCH
#
_entry.id   7DCH
#
_cell.length_a   116.992
_cell.length_b   116.992
_cell.length_c   107.167
_cell.angle_alpha   90.000
_cell.angle_beta   90.000
_cell.angle_gamma   90.000
#
_symmetry.space_group_name_H-M   'P 41 2 2'
#
loop_
_entity.id
_entity.type
_entity.pdbx_description
1 polymer Alpha-glycosidase
2 branched 4,6-dideoxy-4-{[(1S,4R,5S,6S)-4,5,6-trihydroxy-3-(hydroxymethyl)cyclohex-2-en-1-yl]amino}-alpha-D-glucopyranose-(1-4)-alpha-D-glucopyranose-(1-4)-alpha-D-glucopyranose
3 non-polymer '2-(N-MORPHOLINO)-ETHANESULFONIC ACID'
4 non-polymer GLYCEROL
5 non-polymer 'CALCIUM ION'
6 non-polymer 'SULFATE ION'
7 water water
#
_entity_poly.entity_id   1
_entity_poly.type   'polypeptide(L)'
_entity_poly.pdbx_seq_one_letter_code
;MGNLAGIMHRPDSEMAYVVNEQTVNIRLRTAKDDIVSVELLAGDPYSLRSLPTDEKFYQVPKQMTKIMSDGISDFWQVTV
TEPKRRLAYAFLVTDMLGIQKIYSDKGFFKVADADLMDMNFYFRMPFFQTIDQYNAPEWVTDTVWYQIFPERFANGDVSN
DPVGTKPWDSTDHPGREDFYGGDLQGILDHLDHLQELGISGIYLNPIFQAPSNHKYDTQDYMTVDPHFGDAKLFKQLVQA
AHERGIRVMLDAVFNHIGDKSVQWQDVLKNEQASPYADWFHIHQFPATYTPTDNFEFAADATYDTFDYTPHMPKLNTSNP
EVVDYLLNIATYWVKEFDIDAWRLDVANEIDHHFWRKFHDAMMALKPDFYILGQIWHTSQSWLVGDEFTAVMNYSYTGAI
LQYFLENESADALVQKMSHQLMLYRDATNRMMFNTVDSHDTPRLMTLAHEDKQLAKSILTFTFMQPGVPSIYYGTEYGMT
GENDPDDRKPMVWQPELQDHDLYDFMQKLVQVRRQVIAKLSDDKIIFDVIGERQIRLTREDNQTRIVGVFNNGTTDLTVA
QPTSILLKTNQSETQLAPNDFMIWTEPVR
;
_entity_poly.pdbx_strand_id   A
#
loop_
_chem_comp.id
_chem_comp.type
_chem_comp.name
_chem_comp.formula
AC1 D-saccharide 4,6-dideoxy-4-{[(1S,4R,5S,6S)-4,5,6-trihydroxy-3-(hydroxymethyl)cyclohex-2-en-1-yl]amino}-alpha-D-glucopyranose 'C13 H23 N O8'
CA non-polymer 'CALCIUM ION' 'Ca 2'
GLC D-saccharide, alpha linking alpha-D-glucopyranose 'C6 H12 O6'
GOL non-polymer GLYCEROL 'C3 H8 O3'
MES non-polymer '2-(N-MORPHOLINO)-ETHANESULFONIC ACID' 'C6 H13 N O4 S'
SO4 non-polymer 'SULFATE ION' 'O4 S -2'
#
# COMPACT_ATOMS: atom_id res chain seq x y z
N GLY A 2 -24.07 -4.00 -28.25
CA GLY A 2 -23.44 -4.03 -26.95
C GLY A 2 -23.56 -2.69 -26.23
N ASN A 3 -23.04 -2.66 -25.01
CA ASN A 3 -23.07 -1.46 -24.19
C ASN A 3 -21.81 -0.64 -24.48
N LEU A 4 -21.90 0.14 -25.56
CA LEU A 4 -20.75 0.91 -25.98
C LEU A 4 -20.30 1.92 -24.93
N ALA A 5 -21.25 2.49 -24.16
CA ALA A 5 -20.88 3.49 -23.15
C ALA A 5 -20.03 2.88 -22.04
N GLY A 6 -20.05 1.57 -21.87
CA GLY A 6 -19.25 0.93 -20.85
C GLY A 6 -17.90 0.43 -21.31
N ILE A 7 -17.51 0.70 -22.55
CA ILE A 7 -16.21 0.29 -23.09
C ILE A 7 -15.28 1.49 -23.05
N MET A 8 -14.10 1.31 -22.47
CA MET A 8 -13.15 2.41 -22.46
C MET A 8 -11.72 1.88 -22.46
N HIS A 9 -10.87 2.53 -23.24
CA HIS A 9 -9.43 2.37 -23.13
C HIS A 9 -8.82 3.76 -23.04
N ARG A 10 -8.06 4.01 -21.97
CA ARG A 10 -7.31 5.24 -21.81
C ARG A 10 -5.86 4.95 -22.15
N PRO A 11 -5.33 5.52 -23.22
CA PRO A 11 -3.92 5.28 -23.58
C PRO A 11 -2.97 5.95 -22.59
N ASP A 12 -1.75 5.45 -22.56
CA ASP A 12 -0.69 5.96 -21.66
C ASP A 12 -1.16 6.10 -20.22
N SER A 13 -1.59 4.97 -19.65
CA SER A 13 -2.14 4.91 -18.29
C SER A 13 -1.88 3.52 -17.74
N GLU A 14 -2.52 3.21 -16.62
CA GLU A 14 -2.52 1.83 -16.14
C GLU A 14 -3.15 0.85 -17.14
N MET A 15 -3.85 1.33 -18.17
CA MET A 15 -4.35 0.46 -19.23
C MET A 15 -3.38 0.29 -20.37
N ALA A 16 -2.22 0.97 -20.36
CA ALA A 16 -1.27 0.81 -21.45
C ALA A 16 0.09 1.29 -20.95
N TYR A 17 0.97 0.35 -20.63
CA TYR A 17 2.18 0.75 -19.93
C TYR A 17 3.30 -0.23 -20.24
N VAL A 18 4.51 0.27 -20.06
CA VAL A 18 5.73 -0.45 -20.40
C VAL A 18 6.14 -1.34 -19.23
N VAL A 19 6.48 -2.59 -19.53
CA VAL A 19 6.95 -3.53 -18.53
C VAL A 19 8.47 -3.74 -18.63
N ASN A 20 8.98 -3.86 -19.84
CA ASN A 20 10.42 -3.86 -20.04
C ASN A 20 10.71 -3.30 -21.43
N GLU A 21 11.98 -3.36 -21.84
CA GLU A 21 12.41 -2.64 -23.02
C GLU A 21 11.54 -2.93 -24.24
N GLN A 22 11.06 -4.15 -24.38
CA GLN A 22 10.33 -4.53 -25.58
C GLN A 22 8.90 -4.97 -25.33
N THR A 23 8.36 -4.77 -24.13
CA THR A 23 7.11 -5.42 -23.74
C THR A 23 6.18 -4.44 -23.04
N VAL A 24 4.90 -4.47 -23.42
CA VAL A 24 3.89 -3.62 -22.80
C VAL A 24 2.72 -4.47 -22.33
N ASN A 25 1.97 -3.93 -21.36
CA ASN A 25 0.70 -4.50 -20.89
C ASN A 25 -0.43 -3.57 -21.30
N ILE A 26 -1.49 -4.14 -21.89
CA ILE A 26 -2.66 -3.38 -22.35
C ILE A 26 -3.94 -3.95 -21.76
N ARG A 27 -4.82 -3.06 -21.30
CA ARG A 27 -6.11 -3.45 -20.71
C ARG A 27 -7.24 -2.75 -21.43
N LEU A 28 -8.41 -3.36 -21.34
CA LEU A 28 -9.66 -2.79 -21.83
C LEU A 28 -10.72 -2.97 -20.75
N ARG A 29 -11.52 -1.94 -20.56
CA ARG A 29 -12.70 -2.04 -19.71
C ARG A 29 -13.96 -2.24 -20.57
N THR A 30 -14.82 -3.19 -20.19
CA THR A 30 -16.13 -3.36 -20.84
C THR A 30 -17.18 -3.44 -19.75
N ALA A 31 -18.45 -3.37 -20.14
CA ALA A 31 -19.53 -3.59 -19.18
C ALA A 31 -19.61 -5.05 -18.78
N LYS A 32 -19.94 -5.33 -17.51
CA LYS A 32 -19.91 -6.70 -17.01
C LYS A 32 -20.75 -7.66 -17.85
N ASP A 33 -20.09 -8.74 -18.32
CA ASP A 33 -20.73 -9.82 -19.09
C ASP A 33 -21.41 -9.35 -20.38
N ASP A 34 -21.17 -8.12 -20.82
CA ASP A 34 -21.72 -7.63 -22.07
C ASP A 34 -20.89 -8.04 -23.29
N ILE A 35 -19.59 -8.16 -23.12
CA ILE A 35 -18.69 -8.47 -24.23
C ILE A 35 -18.19 -9.89 -24.06
N VAL A 36 -18.32 -10.68 -25.12
CA VAL A 36 -18.00 -12.09 -25.06
C VAL A 36 -16.53 -12.31 -25.36
N SER A 37 -15.95 -11.51 -26.24
CA SER A 37 -14.54 -11.72 -26.58
C SER A 37 -13.91 -10.42 -27.03
N VAL A 38 -12.60 -10.30 -26.82
CA VAL A 38 -11.81 -9.15 -27.23
C VAL A 38 -10.50 -9.62 -27.83
N GLU A 39 -10.19 -9.18 -29.06
CA GLU A 39 -8.90 -9.42 -29.67
C GLU A 39 -8.17 -8.09 -29.88
N LEU A 40 -6.85 -8.11 -29.77
CA LEU A 40 -6.05 -6.91 -30.02
C LEU A 40 -5.45 -6.97 -31.41
N LEU A 41 -5.58 -5.87 -32.16
CA LEU A 41 -4.89 -5.69 -33.43
C LEU A 41 -3.75 -4.73 -33.14
N ALA A 42 -2.51 -5.19 -33.30
CA ALA A 42 -1.39 -4.37 -32.81
C ALA A 42 -0.10 -4.64 -33.56
N GLY A 43 0.69 -3.60 -33.74
CA GLY A 43 1.99 -3.76 -34.38
C GLY A 43 2.66 -2.42 -34.52
N ASP A 44 3.80 -2.41 -35.18
CA ASP A 44 4.54 -1.15 -35.40
C ASP A 44 3.73 -0.23 -36.32
N PRO A 45 3.37 1.01 -35.88
CA PRO A 45 2.52 1.87 -36.74
C PRO A 45 3.08 2.09 -38.12
N TYR A 46 4.41 2.22 -38.22
CA TYR A 46 5.03 2.56 -39.49
C TYR A 46 5.11 1.37 -40.43
N SER A 47 4.97 0.15 -39.91
CA SER A 47 5.09 -1.02 -40.76
C SER A 47 3.98 -1.06 -41.81
N LEU A 48 2.84 -0.41 -41.54
CA LEU A 48 1.69 -0.47 -42.45
C LEU A 48 2.05 0.10 -43.83
N ARG A 49 2.55 1.32 -43.89
N ARG A 49 2.52 1.37 -43.82
CA ARG A 49 2.85 1.84 -45.22
CA ARG A 49 2.92 2.14 -45.01
C ARG A 49 4.35 1.92 -45.52
C ARG A 49 4.28 1.70 -45.54
N SER A 50 5.21 1.37 -44.66
CA SER A 50 6.62 1.35 -45.02
C SER A 50 7.16 -0.01 -45.44
N LEU A 51 6.63 -1.11 -44.90
CA LEU A 51 7.25 -2.38 -45.27
C LEU A 51 6.69 -2.91 -46.58
N PRO A 52 7.56 -3.41 -47.47
CA PRO A 52 7.06 -3.90 -48.78
C PRO A 52 6.23 -5.16 -48.70
N THR A 53 6.22 -5.89 -47.58
CA THR A 53 5.51 -7.15 -47.50
C THR A 53 3.99 -6.98 -47.67
N ASP A 54 3.33 -8.10 -47.98
CA ASP A 54 1.88 -8.14 -48.04
C ASP A 54 1.27 -8.24 -46.65
N GLU A 55 1.96 -8.91 -45.74
CA GLU A 55 1.45 -9.06 -44.38
C GLU A 55 1.27 -7.69 -43.72
N LYS A 56 0.21 -7.56 -42.93
CA LYS A 56 -0.06 -6.36 -42.15
C LYS A 56 -0.34 -6.78 -40.73
N PHE A 57 0.00 -5.92 -39.75
CA PHE A 57 -0.07 -6.44 -38.38
C PHE A 57 -1.51 -6.76 -37.96
N TYR A 58 -2.50 -6.09 -38.55
CA TYR A 58 -3.88 -6.31 -38.10
C TYR A 58 -4.46 -7.63 -38.60
N GLN A 59 -3.78 -8.29 -39.51
CA GLN A 59 -4.31 -9.57 -40.00
C GLN A 59 -4.17 -10.69 -38.99
N VAL A 60 -3.37 -10.53 -37.95
CA VAL A 60 -3.16 -11.60 -36.97
C VAL A 60 -3.50 -11.08 -35.58
N PRO A 61 -4.77 -11.17 -35.17
CA PRO A 61 -5.16 -10.69 -33.84
C PRO A 61 -4.50 -11.46 -32.71
N LYS A 62 -4.49 -10.82 -31.55
CA LYS A 62 -3.97 -11.41 -30.32
C LYS A 62 -5.14 -11.50 -29.36
N GLN A 63 -5.34 -12.67 -28.76
CA GLN A 63 -6.47 -12.84 -27.88
C GLN A 63 -6.21 -12.12 -26.56
N MET A 64 -7.18 -11.35 -26.07
CA MET A 64 -7.11 -10.79 -24.73
C MET A 64 -7.88 -11.70 -23.78
N THR A 65 -7.57 -11.60 -22.50
CA THR A 65 -8.18 -12.48 -21.48
C THR A 65 -8.95 -11.65 -20.45
N LYS A 66 -10.18 -12.05 -20.14
CA LYS A 66 -10.92 -11.38 -19.06
C LYS A 66 -10.28 -11.77 -17.71
N ILE A 67 -9.67 -10.79 -17.03
CA ILE A 67 -8.86 -11.05 -15.84
C ILE A 67 -9.63 -10.74 -14.57
N MET A 68 -10.48 -9.71 -14.60
CA MET A 68 -11.20 -9.34 -13.36
C MET A 68 -12.58 -8.80 -13.69
N SER A 69 -13.47 -8.83 -12.68
CA SER A 69 -14.74 -8.11 -12.78
C SER A 69 -15.01 -7.43 -11.44
N ASP A 70 -15.51 -6.19 -11.49
CA ASP A 70 -15.85 -5.49 -10.26
C ASP A 70 -17.36 -5.35 -10.06
N GLY A 71 -18.14 -6.17 -10.76
CA GLY A 71 -19.58 -6.16 -10.63
C GLY A 71 -20.27 -5.16 -11.53
N ILE A 72 -19.53 -4.17 -12.01
CA ILE A 72 -20.02 -3.18 -12.96
C ILE A 72 -19.36 -3.35 -14.31
N SER A 73 -18.02 -3.49 -14.29
CA SER A 73 -17.21 -3.64 -15.49
C SER A 73 -16.42 -4.94 -15.43
N ASP A 74 -16.08 -5.45 -16.62
CA ASP A 74 -15.09 -6.48 -16.81
C ASP A 74 -13.80 -5.85 -17.29
N PHE A 75 -12.68 -6.45 -16.91
CA PHE A 75 -11.38 -5.95 -17.34
C PHE A 75 -10.64 -7.07 -18.05
N TRP A 76 -10.11 -6.72 -19.22
CA TRP A 76 -9.38 -7.60 -20.14
C TRP A 76 -7.94 -7.13 -20.24
N GLN A 77 -7.03 -8.09 -20.45
CA GLN A 77 -5.60 -7.73 -20.47
C GLN A 77 -4.86 -8.60 -21.47
N VAL A 78 -3.81 -8.02 -22.06
CA VAL A 78 -2.86 -8.81 -22.86
C VAL A 78 -1.48 -8.19 -22.74
N THR A 79 -0.45 -9.02 -22.93
CA THR A 79 0.93 -8.57 -22.99
C THR A 79 1.38 -8.61 -24.44
N VAL A 80 2.09 -7.57 -24.90
CA VAL A 80 2.50 -7.45 -26.30
C VAL A 80 3.99 -7.18 -26.36
N THR A 81 4.70 -7.91 -27.22
CA THR A 81 6.12 -7.66 -27.44
CA THR A 81 6.13 -7.72 -27.46
C THR A 81 6.34 -7.12 -28.85
N GLU A 82 7.17 -6.08 -28.96
CA GLU A 82 7.43 -5.44 -30.25
C GLU A 82 8.87 -4.99 -30.38
N PRO A 83 9.65 -5.64 -31.23
CA PRO A 83 11.08 -5.28 -31.35
C PRO A 83 11.32 -3.85 -31.84
N LYS A 84 10.43 -3.29 -32.64
CA LYS A 84 10.61 -1.90 -33.07
C LYS A 84 10.29 -0.90 -31.97
N ARG A 85 9.72 -1.37 -30.85
CA ARG A 85 9.42 -0.54 -29.66
C ARG A 85 8.51 0.63 -29.99
N ARG A 86 7.64 0.45 -30.98
CA ARG A 86 6.58 1.38 -31.34
C ARG A 86 5.30 0.58 -31.52
N LEU A 87 4.18 1.03 -30.92
CA LEU A 87 2.96 0.21 -31.05
C LEU A 87 1.71 1.02 -31.39
N ALA A 88 1.01 0.62 -32.46
CA ALA A 88 -0.33 1.06 -32.78
C ALA A 88 -1.27 -0.10 -32.47
N TYR A 89 -2.42 0.18 -31.86
CA TYR A 89 -3.32 -0.93 -31.50
C TYR A 89 -4.78 -0.49 -31.50
N ALA A 90 -5.63 -1.49 -31.69
CA ALA A 90 -7.09 -1.31 -31.61
C ALA A 90 -7.69 -2.60 -31.09
N PHE A 91 -8.97 -2.54 -30.72
CA PHE A 91 -9.64 -3.66 -30.07
C PHE A 91 -10.78 -4.18 -30.94
N LEU A 92 -10.85 -5.50 -31.12
CA LEU A 92 -11.98 -6.15 -31.76
CA LEU A 92 -11.96 -6.17 -31.76
C LEU A 92 -12.87 -6.74 -30.68
N VAL A 93 -14.04 -6.13 -30.49
CA VAL A 93 -14.95 -6.48 -29.39
C VAL A 93 -16.21 -7.12 -29.97
N THR A 94 -16.62 -8.25 -29.36
CA THR A 94 -17.84 -8.94 -29.76
C THR A 94 -18.73 -9.13 -28.55
N ASP A 95 -20.01 -8.71 -28.67
CA ASP A 95 -20.98 -8.72 -27.59
C ASP A 95 -21.77 -10.02 -27.55
N MET A 96 -22.77 -10.07 -26.65
CA MET A 96 -23.51 -11.30 -26.38
C MET A 96 -24.36 -11.75 -27.56
N LEU A 97 -24.83 -10.81 -28.37
CA LEU A 97 -25.58 -11.17 -29.55
C LEU A 97 -24.69 -11.45 -30.75
N GLY A 98 -23.37 -11.40 -30.60
CA GLY A 98 -22.49 -11.62 -31.73
C GLY A 98 -22.25 -10.42 -32.60
N ILE A 99 -22.49 -9.21 -32.10
CA ILE A 99 -22.19 -8.01 -32.87
C ILE A 99 -20.74 -7.65 -32.60
N GLN A 100 -19.95 -7.54 -33.66
CA GLN A 100 -18.53 -7.26 -33.57
CA GLN A 100 -18.53 -7.26 -33.57
C GLN A 100 -18.23 -5.86 -34.10
N LYS A 101 -17.39 -5.13 -33.38
CA LYS A 101 -16.94 -3.82 -33.84
C LYS A 101 -15.47 -3.65 -33.47
N ILE A 102 -14.84 -2.73 -34.16
CA ILE A 102 -13.49 -2.32 -33.82
CA ILE A 102 -13.49 -2.31 -33.84
C ILE A 102 -13.56 -1.02 -33.05
N TYR A 103 -12.78 -0.94 -31.98
CA TYR A 103 -12.72 0.21 -31.09
C TYR A 103 -11.28 0.72 -31.10
N SER A 104 -11.12 1.99 -31.47
CA SER A 104 -9.80 2.60 -31.59
C SER A 104 -9.85 4.03 -31.05
N ASP A 105 -8.71 4.71 -31.20
CA ASP A 105 -8.64 6.13 -30.82
C ASP A 105 -9.68 6.98 -31.53
N LYS A 106 -10.13 6.54 -32.71
CA LYS A 106 -11.14 7.25 -33.49
C LYS A 106 -12.57 6.81 -33.18
N GLY A 107 -12.78 5.83 -32.30
CA GLY A 107 -14.12 5.47 -31.88
C GLY A 107 -14.49 4.05 -32.26
N PHE A 108 -15.79 3.82 -32.47
CA PHE A 108 -16.31 2.49 -32.81
C PHE A 108 -16.67 2.39 -34.29
N PHE A 109 -16.31 1.28 -34.91
CA PHE A 109 -16.55 1.07 -36.34
C PHE A 109 -16.93 -0.38 -36.63
N LYS A 110 -17.72 -0.60 -37.67
CA LYS A 110 -17.73 -1.91 -38.31
C LYS A 110 -16.36 -2.19 -38.92
N VAL A 111 -15.96 -3.46 -38.89
CA VAL A 111 -14.64 -3.86 -39.39
C VAL A 111 -14.45 -3.42 -40.84
N ALA A 112 -15.52 -3.48 -41.64
CA ALA A 112 -15.42 -3.08 -43.04
C ALA A 112 -15.19 -1.58 -43.20
N ASP A 113 -15.57 -0.78 -42.20
CA ASP A 113 -15.47 0.68 -42.28
C ASP A 113 -14.24 1.23 -41.57
N ALA A 114 -13.36 0.37 -41.10
CA ALA A 114 -12.18 0.81 -40.35
C ALA A 114 -11.02 1.05 -41.32
N ASP A 115 -10.36 2.20 -41.17
CA ASP A 115 -9.20 2.54 -41.99
C ASP A 115 -7.95 1.89 -41.39
N LEU A 116 -7.88 0.57 -41.53
CA LEU A 116 -6.82 -0.17 -40.85
C LEU A 116 -5.43 0.08 -41.45
N MET A 117 -5.34 0.65 -42.65
CA MET A 117 -4.04 0.96 -43.23
C MET A 117 -3.47 2.30 -42.74
N ASP A 118 -4.24 3.10 -42.00
CA ASP A 118 -3.80 4.41 -41.52
C ASP A 118 -3.32 4.27 -40.09
N MET A 119 -2.03 4.55 -39.87
CA MET A 119 -1.51 4.40 -38.50
C MET A 119 -2.24 5.31 -37.54
N ASN A 120 -2.81 6.40 -38.05
CA ASN A 120 -3.44 7.37 -37.13
C ASN A 120 -4.84 6.95 -36.71
N PHE A 121 -5.35 5.86 -37.27
CA PHE A 121 -6.61 5.30 -36.81
C PHE A 121 -6.50 4.71 -35.40
N TYR A 122 -5.32 4.23 -35.02
CA TYR A 122 -5.10 3.39 -33.85
C TYR A 122 -4.82 4.19 -32.58
N PHE A 123 -5.09 3.56 -31.43
CA PHE A 123 -4.40 4.00 -30.21
C PHE A 123 -2.89 3.83 -30.36
N ARG A 124 -2.13 4.59 -29.57
CA ARG A 124 -0.68 4.53 -29.72
C ARG A 124 0.04 4.45 -28.38
N MET A 125 1.07 3.55 -28.33
N MET A 125 1.02 3.54 -28.29
CA MET A 125 2.24 3.56 -27.43
CA MET A 125 2.18 3.65 -27.40
C MET A 125 3.47 3.96 -28.24
C MET A 125 3.39 4.00 -28.27
N PRO A 126 3.82 5.24 -28.30
CA PRO A 126 4.58 5.72 -29.47
C PRO A 126 6.03 5.25 -29.51
N PHE A 127 6.69 5.22 -28.36
CA PHE A 127 7.99 4.57 -28.28
C PHE A 127 8.09 4.09 -26.86
N PHE A 128 8.58 2.86 -26.68
CA PHE A 128 8.60 2.25 -25.34
C PHE A 128 9.70 2.90 -24.54
N GLN A 129 9.35 3.66 -23.49
CA GLN A 129 10.33 4.48 -22.79
C GLN A 129 10.56 3.90 -21.39
N THR A 130 11.66 3.19 -21.19
CA THR A 130 11.81 2.64 -19.84
C THR A 130 12.11 3.71 -18.81
N ILE A 131 12.62 4.87 -19.23
CA ILE A 131 12.85 5.94 -18.26
C ILE A 131 11.54 6.43 -17.65
N ASP A 132 10.41 6.27 -18.36
CA ASP A 132 9.10 6.68 -17.87
C ASP A 132 8.35 5.56 -17.16
N GLN A 133 8.89 4.34 -17.10
CA GLN A 133 8.07 3.23 -16.64
C GLN A 133 8.05 3.14 -15.11
N TYR A 134 7.09 2.37 -14.61
CA TYR A 134 7.01 2.05 -13.19
C TYR A 134 7.95 0.89 -12.88
N ASN A 135 8.71 1.01 -11.77
CA ASN A 135 9.66 -0.02 -11.31
C ASN A 135 9.37 -0.38 -9.87
N ALA A 136 9.32 -1.69 -9.58
CA ALA A 136 9.08 -2.16 -8.20
C ALA A 136 10.34 -2.76 -7.62
N PRO A 137 10.79 -2.33 -6.44
CA PRO A 137 11.95 -2.96 -5.79
C PRO A 137 11.66 -4.39 -5.36
N GLU A 138 12.52 -5.32 -5.79
CA GLU A 138 12.27 -6.75 -5.56
C GLU A 138 12.21 -7.09 -4.07
N TRP A 139 13.03 -6.45 -3.24
CA TRP A 139 13.12 -6.89 -1.84
C TRP A 139 11.79 -6.74 -1.09
N VAL A 140 10.93 -5.83 -1.53
CA VAL A 140 9.64 -5.63 -0.86
C VAL A 140 8.79 -6.88 -0.96
N THR A 141 8.96 -7.65 -2.06
CA THR A 141 8.24 -8.90 -2.26
C THR A 141 8.44 -9.84 -1.09
N ASP A 142 9.63 -9.83 -0.49
CA ASP A 142 9.98 -10.80 0.53
C ASP A 142 9.83 -10.23 1.93
N THR A 143 9.08 -9.14 2.08
CA THR A 143 8.99 -8.44 3.36
CA THR A 143 9.00 -8.46 3.37
C THR A 143 7.68 -8.72 4.09
N VAL A 144 7.77 -8.81 5.41
CA VAL A 144 6.63 -8.65 6.30
C VAL A 144 7.03 -7.59 7.29
N TRP A 145 6.22 -6.54 7.38
CA TRP A 145 6.54 -5.39 8.19
C TRP A 145 5.95 -5.48 9.57
N TYR A 146 6.57 -4.73 10.48
CA TYR A 146 6.11 -4.58 11.86
C TYR A 146 6.13 -3.09 12.20
N GLN A 147 4.97 -2.54 12.54
CA GLN A 147 4.86 -1.11 12.83
C GLN A 147 5.03 -0.82 14.33
N ILE A 148 5.99 0.04 14.64
CA ILE A 148 6.29 0.47 16.02
C ILE A 148 5.94 1.95 16.18
N PHE A 149 5.05 2.25 17.13
CA PHE A 149 4.80 3.60 17.63
C PHE A 149 5.76 3.78 18.81
N PRO A 150 6.87 4.52 18.66
CA PRO A 150 8.04 4.29 19.54
C PRO A 150 7.81 4.66 21.00
N GLU A 151 6.94 5.61 21.30
CA GLU A 151 6.70 5.94 22.70
C GLU A 151 6.13 4.74 23.47
N ARG A 152 5.61 3.73 22.79
CA ARG A 152 4.82 2.71 23.45
C ARG A 152 5.33 1.29 23.24
N PHE A 153 6.49 1.09 22.64
CA PHE A 153 6.95 -0.27 22.37
C PHE A 153 7.81 -0.83 23.50
N ALA A 154 8.85 -0.11 23.92
CA ALA A 154 9.65 -0.57 25.05
C ALA A 154 10.52 0.57 25.57
N ASN A 155 10.53 0.73 26.88
CA ASN A 155 11.39 1.71 27.54
C ASN A 155 12.72 1.03 27.86
N GLY A 156 13.73 1.29 27.04
CA GLY A 156 15.05 0.74 27.25
C GLY A 156 15.97 1.60 28.06
N ASP A 157 15.49 2.79 28.48
CA ASP A 157 16.36 3.75 29.17
C ASP A 157 15.46 4.70 29.94
N VAL A 158 15.34 4.48 31.26
CA VAL A 158 14.55 5.40 32.07
C VAL A 158 15.15 6.80 32.10
N SER A 159 16.45 6.94 31.83
CA SER A 159 17.12 8.23 32.06
C SER A 159 16.71 9.29 31.04
N ASN A 160 16.07 8.91 29.92
CA ASN A 160 15.60 9.90 28.95
C ASN A 160 14.10 10.11 29.04
N ASP A 161 13.45 9.63 30.09
CA ASP A 161 11.98 9.65 30.12
C ASP A 161 11.48 11.09 30.25
N PRO A 162 10.39 11.43 29.55
CA PRO A 162 9.73 12.72 29.77
C PRO A 162 9.30 12.89 31.22
N VAL A 163 9.14 14.16 31.62
CA VAL A 163 8.55 14.47 32.92
C VAL A 163 7.13 13.90 32.97
N GLY A 164 6.77 13.32 34.10
CA GLY A 164 5.46 12.74 34.25
C GLY A 164 5.27 11.37 33.64
N THR A 165 6.35 10.70 33.24
CA THR A 165 6.23 9.36 32.68
C THR A 165 5.50 8.43 33.65
N LYS A 166 4.55 7.64 33.11
CA LYS A 166 3.70 6.74 33.89
C LYS A 166 4.30 5.35 33.94
N PRO A 167 3.99 4.56 34.97
CA PRO A 167 4.49 3.17 35.00
C PRO A 167 3.97 2.39 33.81
N TRP A 168 4.83 1.48 33.32
CA TRP A 168 4.49 0.74 32.10
C TRP A 168 3.38 -0.25 32.38
N ASP A 169 2.26 -0.14 31.65
CA ASP A 169 1.09 -0.96 31.98
C ASP A 169 0.23 -1.06 30.72
N SER A 170 0.28 -2.22 30.08
CA SER A 170 -0.48 -2.52 28.87
C SER A 170 -1.99 -2.57 29.12
N THR A 171 -2.44 -2.61 30.36
CA THR A 171 -3.86 -2.56 30.66
C THR A 171 -4.38 -1.14 30.85
N ASP A 172 -3.51 -0.12 30.82
CA ASP A 172 -3.96 1.26 30.87
C ASP A 172 -4.82 1.62 29.64
N HIS A 173 -5.67 2.63 29.83
CA HIS A 173 -6.31 3.32 28.72
C HIS A 173 -5.64 4.66 28.55
N PRO A 174 -4.68 4.81 27.64
CA PRO A 174 -3.88 6.04 27.60
C PRO A 174 -4.69 7.26 27.22
N GLY A 175 -4.34 8.40 27.85
CA GLY A 175 -4.86 9.70 27.45
C GLY A 175 -4.06 10.30 26.30
N ARG A 176 -4.60 11.39 25.73
CA ARG A 176 -3.96 12.01 24.57
CA ARG A 176 -3.95 11.96 24.56
C ARG A 176 -2.56 12.50 24.88
N GLU A 177 -2.30 12.92 26.12
CA GLU A 177 -1.04 13.56 26.46
C GLU A 177 -0.12 12.72 27.37
N ASP A 178 -0.35 11.42 27.46
CA ASP A 178 0.43 10.58 28.37
C ASP A 178 1.81 10.26 27.79
N PHE A 179 2.77 9.99 28.69
CA PHE A 179 4.08 9.45 28.30
C PHE A 179 4.37 8.19 29.10
N TYR A 180 4.88 7.16 28.41
CA TYR A 180 5.29 5.91 29.06
C TYR A 180 6.77 5.63 28.92
N GLY A 181 7.51 6.43 28.17
CA GLY A 181 8.96 6.34 28.16
C GLY A 181 9.55 5.47 27.09
N GLY A 182 8.76 5.02 26.11
CA GLY A 182 9.30 4.17 25.06
C GLY A 182 10.39 4.90 24.28
N ASP A 183 11.37 4.15 23.76
CA ASP A 183 12.51 4.82 23.15
C ASP A 183 13.23 3.87 22.18
N LEU A 184 14.27 4.39 21.54
CA LEU A 184 15.02 3.60 20.56
C LEU A 184 15.75 2.44 21.22
N GLN A 185 16.27 2.64 22.44
CA GLN A 185 16.95 1.54 23.09
C GLN A 185 16.00 0.37 23.33
N GLY A 186 14.72 0.65 23.60
CA GLY A 186 13.76 -0.44 23.79
C GLY A 186 13.57 -1.26 22.53
N ILE A 187 13.58 -0.60 21.36
CA ILE A 187 13.50 -1.32 20.10
C ILE A 187 14.73 -2.21 19.94
N LEU A 188 15.91 -1.62 20.15
CA LEU A 188 17.13 -2.40 20.05
C LEU A 188 17.10 -3.61 20.98
N ASP A 189 16.56 -3.44 22.19
CA ASP A 189 16.51 -4.52 23.17
C ASP A 189 15.58 -5.65 22.75
N HIS A 190 14.59 -5.39 21.89
CA HIS A 190 13.64 -6.44 21.51
C HIS A 190 13.72 -6.87 20.04
N LEU A 191 14.82 -6.53 19.38
CA LEU A 191 15.03 -7.05 18.02
C LEU A 191 14.97 -8.57 17.95
N ASP A 192 15.34 -9.28 19.03
CA ASP A 192 15.21 -10.74 19.04
C ASP A 192 13.76 -11.19 18.90
N HIS A 193 12.86 -10.52 19.62
CA HIS A 193 11.45 -10.81 19.48
C HIS A 193 11.00 -10.63 18.04
N LEU A 194 11.43 -9.55 17.41
CA LEU A 194 11.01 -9.32 16.03
C LEU A 194 11.59 -10.37 15.08
N GLN A 195 12.86 -10.75 15.26
CA GLN A 195 13.41 -11.79 14.41
C GLN A 195 12.68 -13.11 14.62
N GLU A 196 12.38 -13.45 15.88
CA GLU A 196 11.71 -14.71 16.18
C GLU A 196 10.31 -14.75 15.59
N LEU A 197 9.64 -13.59 15.52
CA LEU A 197 8.31 -13.56 14.90
C LEU A 197 8.41 -13.77 13.39
N GLY A 198 9.56 -13.44 12.82
CA GLY A 198 9.81 -13.61 11.41
C GLY A 198 9.68 -12.34 10.60
N ILE A 199 9.59 -11.19 11.28
CA ILE A 199 9.56 -9.86 10.69
C ILE A 199 10.83 -9.57 9.88
N SER A 200 10.68 -8.89 8.75
CA SER A 200 11.85 -8.48 7.98
C SER A 200 11.84 -6.99 7.60
N GLY A 201 10.95 -6.19 8.20
CA GLY A 201 10.99 -4.77 7.98
C GLY A 201 10.33 -4.08 9.15
N ILE A 202 10.91 -2.98 9.63
CA ILE A 202 10.34 -2.20 10.73
C ILE A 202 9.88 -0.86 10.20
N TYR A 203 8.61 -0.50 10.47
CA TYR A 203 8.07 0.81 10.12
C TYR A 203 7.94 1.58 11.43
N LEU A 204 8.68 2.69 11.56
CA LEU A 204 8.62 3.54 12.74
C LEU A 204 7.74 4.76 12.48
N ASN A 205 6.85 5.05 13.42
CA ASN A 205 6.20 6.35 13.47
C ASN A 205 7.25 7.44 13.76
N PRO A 206 6.91 8.74 13.70
CA PRO A 206 7.96 9.77 13.76
C PRO A 206 8.86 9.67 14.99
N ILE A 207 10.16 9.88 14.76
CA ILE A 207 11.15 9.82 15.82
C ILE A 207 11.93 11.11 15.96
N PHE A 208 11.60 12.17 15.20
CA PHE A 208 12.37 13.40 15.26
C PHE A 208 11.83 14.31 16.38
N GLN A 209 12.65 15.27 16.80
CA GLN A 209 12.33 16.10 17.96
C GLN A 209 10.98 16.81 17.80
N ALA A 210 10.11 16.65 18.79
CA ALA A 210 8.75 17.14 18.77
C ALA A 210 8.17 17.04 20.17
N PRO A 211 7.28 17.95 20.57
CA PRO A 211 6.87 17.98 21.98
C PRO A 211 5.90 16.89 22.37
N SER A 212 5.21 16.26 21.43
CA SER A 212 4.10 15.37 21.76
C SER A 212 4.55 13.93 21.93
N ASN A 213 3.60 13.07 22.31
CA ASN A 213 3.92 11.65 22.36
C ASN A 213 3.90 10.98 20.99
N HIS A 214 3.29 11.60 19.98
CA HIS A 214 3.22 11.01 18.65
C HIS A 214 4.22 11.63 17.66
N LYS A 215 4.61 12.87 17.90
CA LYS A 215 5.71 13.55 17.23
C LYS A 215 5.40 13.87 15.78
N TYR A 216 4.11 14.04 15.45
CA TYR A 216 3.75 14.58 14.15
C TYR A 216 3.74 16.10 14.12
N ASP A 217 4.04 16.75 15.23
CA ASP A 217 4.18 18.20 15.28
C ASP A 217 5.67 18.55 15.38
N THR A 218 6.37 18.34 14.28
CA THR A 218 7.83 18.35 14.31
C THR A 218 8.35 19.70 14.79
N GLN A 219 9.33 19.64 15.69
CA GLN A 219 10.12 20.81 16.05
C GLN A 219 11.45 20.86 15.29
N ASP A 220 12.12 19.73 15.07
CA ASP A 220 13.40 19.70 14.35
C ASP A 220 13.59 18.35 13.66
N TYR A 221 13.55 18.35 12.32
CA TYR A 221 13.65 17.16 11.49
C TYR A 221 15.05 16.58 11.46
N MET A 222 16.06 17.35 11.89
CA MET A 222 17.45 16.93 11.76
C MET A 222 18.00 16.32 13.02
N THR A 223 17.15 16.05 14.02
CA THR A 223 17.57 15.56 15.33
C THR A 223 16.62 14.49 15.82
N VAL A 224 17.16 13.35 16.26
CA VAL A 224 16.34 12.37 16.96
C VAL A 224 15.80 13.00 18.22
N ASP A 225 14.52 12.82 18.49
CA ASP A 225 13.98 13.36 19.72
C ASP A 225 14.82 12.88 20.91
N PRO A 226 15.23 13.76 21.80
CA PRO A 226 16.16 13.33 22.87
C PRO A 226 15.54 12.36 23.85
N HIS A 227 14.20 12.32 23.97
CA HIS A 227 13.58 11.31 24.81
C HIS A 227 13.58 9.94 24.16
N PHE A 228 13.85 9.86 22.86
CA PHE A 228 14.01 8.59 22.17
C PHE A 228 15.46 8.14 22.03
N GLY A 229 16.40 9.07 21.90
CA GLY A 229 17.78 8.66 21.66
C GLY A 229 18.58 9.79 21.02
N ASP A 230 19.63 9.42 20.30
CA ASP A 230 20.45 10.38 19.59
C ASP A 230 20.93 9.72 18.30
N ALA A 231 21.73 10.47 17.54
CA ALA A 231 22.20 9.99 16.24
C ALA A 231 22.95 8.68 16.37
N LYS A 232 23.89 8.60 17.34
CA LYS A 232 24.69 7.38 17.47
C LYS A 232 23.79 6.18 17.72
N LEU A 233 22.80 6.33 18.61
CA LEU A 233 21.92 5.22 18.96
C LEU A 233 21.05 4.80 17.77
N PHE A 234 20.56 5.77 17.01
CA PHE A 234 19.76 5.40 15.85
C PHE A 234 20.60 4.67 14.81
N LYS A 235 21.86 5.11 14.61
CA LYS A 235 22.74 4.39 13.69
C LYS A 235 22.95 2.96 14.17
N GLN A 236 23.18 2.79 15.48
CA GLN A 236 23.31 1.45 16.06
C GLN A 236 22.07 0.61 15.80
N LEU A 237 20.88 1.23 15.90
CA LEU A 237 19.65 0.49 15.68
C LEU A 237 19.52 0.02 14.23
N VAL A 238 19.82 0.92 13.28
CA VAL A 238 19.68 0.51 11.89
C VAL A 238 20.67 -0.60 11.57
N GLN A 239 21.90 -0.48 12.08
CA GLN A 239 22.88 -1.52 11.79
C GLN A 239 22.47 -2.87 12.40
N ALA A 240 21.91 -2.87 13.61
CA ALA A 240 21.51 -4.15 14.22
C ALA A 240 20.33 -4.77 13.49
N ALA A 241 19.39 -3.91 13.05
CA ALA A 241 18.28 -4.39 12.24
C ALA A 241 18.78 -5.02 10.95
N HIS A 242 19.64 -4.30 10.23
CA HIS A 242 20.19 -4.80 8.97
C HIS A 242 20.96 -6.10 9.19
N GLU A 243 21.67 -6.20 10.31
CA GLU A 243 22.41 -7.42 10.63
C GLU A 243 21.46 -8.60 10.74
N ARG A 244 20.24 -8.34 11.21
N ARG A 244 20.23 -8.35 11.21
CA ARG A 244 19.23 -9.39 11.34
CA ARG A 244 19.24 -9.42 11.32
C ARG A 244 18.32 -9.51 10.11
C ARG A 244 18.43 -9.64 10.04
N GLY A 245 18.69 -8.90 8.99
CA GLY A 245 17.91 -9.03 7.76
C GLY A 245 16.61 -8.26 7.81
N ILE A 246 16.57 -7.17 8.58
CA ILE A 246 15.38 -6.36 8.84
C ILE A 246 15.62 -4.96 8.28
N ARG A 247 14.79 -4.54 7.32
CA ARG A 247 14.85 -3.21 6.74
C ARG A 247 14.17 -2.20 7.65
N VAL A 248 14.42 -0.91 7.42
CA VAL A 248 13.92 0.18 8.28
C VAL A 248 13.23 1.26 7.42
N MET A 249 12.00 1.58 7.77
CA MET A 249 11.23 2.64 7.14
C MET A 249 10.92 3.70 8.19
N LEU A 250 11.22 4.96 7.89
CA LEU A 250 10.88 6.06 8.78
C LEU A 250 9.69 6.87 8.22
N ASP A 251 9.09 7.65 9.12
CA ASP A 251 7.92 8.48 8.83
C ASP A 251 8.38 9.91 8.49
N ALA A 252 8.07 10.38 7.29
CA ALA A 252 8.36 11.76 6.87
C ALA A 252 7.10 12.61 6.96
N VAL A 253 7.10 13.62 7.84
CA VAL A 253 5.93 14.44 8.10
C VAL A 253 6.18 15.77 7.44
N PHE A 254 6.02 15.83 6.11
CA PHE A 254 6.39 17.01 5.35
C PHE A 254 5.21 17.92 5.01
N ASN A 255 3.97 17.53 5.33
CA ASN A 255 2.86 18.40 4.93
C ASN A 255 2.75 19.61 5.84
N HIS A 256 3.15 19.45 7.09
CA HIS A 256 3.06 20.49 8.08
C HIS A 256 4.21 20.33 9.04
N ILE A 257 4.44 21.37 9.83
CA ILE A 257 5.48 21.41 10.84
C ILE A 257 4.80 21.82 12.13
N GLY A 258 5.45 21.54 13.27
CA GLY A 258 4.87 21.91 14.56
C GLY A 258 5.08 23.39 14.86
N ASP A 259 4.18 23.93 15.68
CA ASP A 259 4.26 25.36 15.93
C ASP A 259 5.38 25.75 16.89
N LYS A 260 6.12 24.78 17.46
CA LYS A 260 7.28 25.12 18.28
C LYS A 260 8.58 25.04 17.48
N SER A 261 8.50 24.85 16.17
CA SER A 261 9.67 24.88 15.33
C SER A 261 10.27 26.28 15.30
N VAL A 262 11.57 26.34 15.02
CA VAL A 262 12.23 27.64 14.92
C VAL A 262 11.57 28.48 13.83
N GLN A 263 11.17 27.83 12.73
CA GLN A 263 10.59 28.54 11.58
C GLN A 263 9.27 29.21 11.97
N TRP A 264 8.36 28.44 12.58
CA TRP A 264 7.07 29.04 12.94
C TRP A 264 7.25 30.09 14.03
N GLN A 265 8.13 29.84 14.99
CA GLN A 265 8.31 30.81 16.06
C GLN A 265 8.87 32.11 15.50
N ASP A 266 9.68 32.02 14.45
CA ASP A 266 10.20 33.22 13.82
C ASP A 266 9.08 33.99 13.14
N VAL A 267 8.13 33.27 12.51
CA VAL A 267 6.94 33.91 11.96
C VAL A 267 6.14 34.63 13.06
N LEU A 268 6.01 34.00 14.23
CA LEU A 268 5.25 34.64 15.29
C LEU A 268 5.95 35.89 15.82
N LYS A 269 7.28 35.90 15.81
CA LYS A 269 8.03 37.06 16.26
C LYS A 269 8.07 38.18 15.22
N ASN A 270 8.36 37.86 13.96
CA ASN A 270 8.68 38.86 12.94
C ASN A 270 7.57 39.13 11.93
N GLU A 271 6.47 38.38 11.96
CA GLU A 271 5.32 38.59 11.05
C GLU A 271 5.82 38.43 9.62
N GLN A 272 5.35 39.24 8.66
CA GLN A 272 5.71 38.99 7.27
C GLN A 272 7.18 39.30 7.00
N ALA A 273 7.85 40.01 7.91
CA ALA A 273 9.28 40.21 7.73
C ALA A 273 10.09 38.98 8.10
N SER A 274 9.45 37.90 8.55
CA SER A 274 10.22 36.70 8.87
C SER A 274 10.85 36.13 7.61
N PRO A 275 12.11 35.68 7.65
CA PRO A 275 12.65 34.93 6.51
C PRO A 275 11.84 33.68 6.20
N TYR A 276 10.96 33.24 7.09
CA TYR A 276 10.19 32.03 6.86
C TYR A 276 8.72 32.31 6.54
N ALA A 277 8.33 33.58 6.37
CA ALA A 277 6.93 33.88 6.11
C ALA A 277 6.40 33.08 4.93
N ASP A 278 7.14 33.00 3.84
CA ASP A 278 6.61 32.33 2.66
C ASP A 278 6.87 30.82 2.69
N TRP A 279 7.42 30.30 3.77
CA TRP A 279 7.44 28.86 3.94
C TRP A 279 6.10 28.28 4.36
N PHE A 280 5.12 29.15 4.60
CA PHE A 280 3.83 28.69 5.10
C PHE A 280 2.72 29.24 4.23
N HIS A 281 1.47 29.11 4.68
CA HIS A 281 0.29 29.56 3.92
C HIS A 281 -0.47 30.55 4.81
N ILE A 282 0.03 31.77 4.93
CA ILE A 282 -0.53 32.71 5.90
C ILE A 282 -1.39 33.73 5.15
N HIS A 283 -2.68 33.76 5.50
CA HIS A 283 -3.64 34.60 4.79
C HIS A 283 -3.64 36.01 5.34
N GLN A 284 -3.41 36.15 6.64
CA GLN A 284 -3.39 37.45 7.29
C GLN A 284 -2.36 37.41 8.41
N PHE A 285 -1.57 38.45 8.49
CA PHE A 285 -0.61 38.69 9.54
C PHE A 285 -1.20 39.66 10.58
N PRO A 286 -0.89 39.50 11.87
CA PRO A 286 -0.03 38.43 12.40
C PRO A 286 -0.75 37.09 12.31
N ALA A 287 0.02 36.01 12.33
CA ALA A 287 -0.58 34.68 12.28
C ALA A 287 -1.20 34.37 13.63
N THR A 288 -2.50 34.09 13.64
CA THR A 288 -3.19 34.01 14.91
C THR A 288 -4.39 33.09 14.77
N TYR A 289 -4.98 32.76 15.94
CA TYR A 289 -6.18 31.95 16.00
C TYR A 289 -6.84 32.24 17.35
N THR A 290 -8.10 31.85 17.45
CA THR A 290 -8.80 31.98 18.73
C THR A 290 -8.81 30.62 19.41
N PRO A 291 -8.19 30.46 20.57
CA PRO A 291 -8.14 29.13 21.22
C PRO A 291 -9.53 28.67 21.61
N THR A 292 -9.70 27.35 21.65
CA THR A 292 -10.93 26.72 22.13
C THR A 292 -10.56 25.74 23.24
N ASP A 293 -11.59 25.10 23.80
CA ASP A 293 -11.34 24.11 24.85
C ASP A 293 -10.72 22.83 24.31
N ASN A 294 -10.69 22.66 22.99
CA ASN A 294 -10.07 21.51 22.35
C ASN A 294 -8.72 21.96 21.79
N PHE A 295 -7.63 21.41 22.34
CA PHE A 295 -6.29 21.79 21.92
C PHE A 295 -6.11 21.64 20.41
N GLU A 296 -6.79 20.67 19.82
CA GLU A 296 -6.60 20.32 18.42
C GLU A 296 -7.52 21.08 17.45
N PHE A 297 -8.31 22.05 17.93
CA PHE A 297 -9.26 22.76 17.07
C PHE A 297 -9.24 24.26 17.28
N ALA A 298 -9.15 24.99 16.18
CA ALA A 298 -9.46 26.40 16.13
C ALA A 298 -10.30 26.66 14.89
N ALA A 299 -11.27 27.56 15.01
CA ALA A 299 -12.19 27.81 13.89
C ALA A 299 -11.69 28.86 12.91
N ASP A 300 -10.66 29.66 13.26
CA ASP A 300 -10.40 30.89 12.55
C ASP A 300 -8.91 31.19 12.39
N ALA A 301 -8.05 30.16 12.39
CA ALA A 301 -6.64 30.43 12.16
C ALA A 301 -6.45 31.16 10.84
N THR A 302 -5.51 32.11 10.83
CA THR A 302 -5.26 32.93 9.65
C THR A 302 -4.23 32.29 8.76
N TYR A 303 -3.98 31.01 8.94
CA TYR A 303 -3.04 30.24 8.13
C TYR A 303 -3.59 28.83 7.94
N ASP A 304 -3.28 28.24 6.78
CA ASP A 304 -3.71 26.87 6.55
C ASP A 304 -2.97 25.91 7.49
N THR A 305 -3.67 24.85 7.90
CA THR A 305 -3.17 23.90 8.88
C THR A 305 -3.51 22.48 8.43
N PHE A 306 -2.84 21.49 9.02
CA PHE A 306 -3.43 20.17 9.00
C PHE A 306 -4.81 20.24 9.66
N ASP A 307 -5.82 19.66 9.00
CA ASP A 307 -7.18 19.57 9.56
C ASP A 307 -7.55 20.99 10.00
N TYR A 308 -7.95 21.19 11.26
CA TYR A 308 -8.19 22.52 11.79
C TYR A 308 -7.37 22.72 13.05
N THR A 309 -6.19 22.09 13.15
CA THR A 309 -5.40 22.26 14.37
C THR A 309 -4.41 23.40 14.19
N PRO A 310 -4.45 24.42 15.06
CA PRO A 310 -3.54 25.55 14.91
C PRO A 310 -2.08 25.23 15.23
N HIS A 311 -1.78 24.05 15.77
CA HIS A 311 -0.41 23.69 16.14
C HIS A 311 0.35 23.03 14.99
N MET A 312 -0.27 22.84 13.84
CA MET A 312 0.33 22.18 12.68
C MET A 312 0.15 23.04 11.44
N PRO A 313 0.80 24.20 11.39
CA PRO A 313 0.80 25.01 10.15
C PRO A 313 1.31 24.24 8.93
N LYS A 314 0.59 24.39 7.83
CA LYS A 314 0.97 23.74 6.58
C LYS A 314 2.22 24.38 5.97
N LEU A 315 3.14 23.53 5.47
CA LEU A 315 4.31 24.00 4.76
C LEU A 315 4.00 24.32 3.31
N ASN A 316 4.62 25.38 2.80
CA ASN A 316 4.48 25.77 1.40
C ASN A 316 5.53 25.04 0.56
N THR A 317 5.18 23.83 0.13
CA THR A 317 6.15 23.03 -0.59
C THR A 317 6.37 23.50 -2.03
N SER A 318 5.65 24.54 -2.49
CA SER A 318 5.97 25.12 -3.79
CA SER A 318 5.95 25.15 -3.79
C SER A 318 7.12 26.13 -3.70
N ASN A 319 7.47 26.58 -2.49
CA ASN A 319 8.58 27.49 -2.30
C ASN A 319 9.88 26.72 -2.47
N PRO A 320 10.77 27.16 -3.36
CA PRO A 320 12.03 26.41 -3.59
C PRO A 320 12.91 26.31 -2.35
N GLU A 321 12.82 27.25 -1.40
CA GLU A 321 13.59 27.12 -0.17
C GLU A 321 13.05 25.98 0.67
N VAL A 322 11.73 25.77 0.65
CA VAL A 322 11.12 24.66 1.37
C VAL A 322 11.47 23.34 0.68
N VAL A 323 11.39 23.32 -0.66
CA VAL A 323 11.78 22.12 -1.40
C VAL A 323 13.20 21.71 -1.01
N ASP A 324 14.11 22.69 -1.00
CA ASP A 324 15.51 22.39 -0.67
C ASP A 324 15.66 21.90 0.75
N TYR A 325 14.96 22.54 1.71
CA TYR A 325 15.01 22.13 3.11
C TYR A 325 14.55 20.68 3.28
N LEU A 326 13.41 20.34 2.68
CA LEU A 326 12.86 18.99 2.83
C LEU A 326 13.73 17.95 2.13
N LEU A 327 14.21 18.24 0.91
CA LEU A 327 15.06 17.30 0.21
C LEU A 327 16.34 17.05 0.97
N ASN A 328 16.88 18.08 1.63
CA ASN A 328 18.08 17.87 2.43
C ASN A 328 17.80 16.98 3.64
N ILE A 329 16.66 17.15 4.29
CA ILE A 329 16.26 16.23 5.37
C ILE A 329 16.13 14.80 4.87
N ALA A 330 15.41 14.63 3.74
CA ALA A 330 15.15 13.30 3.20
C ALA A 330 16.44 12.61 2.82
N THR A 331 17.38 13.37 2.25
CA THR A 331 18.69 12.85 1.88
C THR A 331 19.52 12.50 3.09
N TYR A 332 19.49 13.35 4.12
CA TYR A 332 20.33 13.15 5.30
C TYR A 332 20.07 11.81 5.95
N TRP A 333 18.79 11.51 6.23
CA TRP A 333 18.55 10.25 6.95
C TRP A 333 18.92 9.02 6.13
N VAL A 334 18.78 9.07 4.81
CA VAL A 334 19.15 7.92 3.97
C VAL A 334 20.66 7.81 3.83
N LYS A 335 21.32 8.93 3.54
CA LYS A 335 22.74 8.88 3.26
C LYS A 335 23.55 8.60 4.52
N GLU A 336 23.16 9.19 5.66
CA GLU A 336 23.94 9.04 6.87
C GLU A 336 23.51 7.86 7.72
N PHE A 337 22.28 7.37 7.57
CA PHE A 337 21.87 6.26 8.41
C PHE A 337 21.43 5.03 7.63
N ASP A 338 21.42 5.09 6.30
CA ASP A 338 21.16 3.91 5.47
C ASP A 338 19.75 3.37 5.67
N ILE A 339 18.76 4.23 5.95
CA ILE A 339 17.40 3.71 6.02
C ILE A 339 16.96 3.25 4.63
N ASP A 340 15.93 2.40 4.61
CA ASP A 340 15.54 1.70 3.38
C ASP A 340 14.28 2.26 2.74
N ALA A 341 13.51 3.08 3.44
CA ALA A 341 12.23 3.51 2.90
C ALA A 341 11.71 4.70 3.70
N TRP A 342 10.86 5.49 3.04
CA TRP A 342 10.14 6.61 3.66
C TRP A 342 8.65 6.35 3.54
N ARG A 343 7.95 6.47 4.66
CA ARG A 343 6.48 6.54 4.70
C ARG A 343 6.10 8.02 4.77
N LEU A 344 5.25 8.47 3.84
CA LEU A 344 4.98 9.90 3.64
C LEU A 344 3.64 10.25 4.28
N ASP A 345 3.69 10.99 5.39
CA ASP A 345 2.47 11.41 6.09
C ASP A 345 1.66 12.40 5.25
N VAL A 346 0.33 12.24 5.27
CA VAL A 346 -0.60 13.10 4.53
C VAL A 346 -0.07 13.43 3.13
N ALA A 347 0.43 12.41 2.43
CA ALA A 347 1.18 12.65 1.20
C ALA A 347 0.35 13.31 0.12
N ASN A 348 -0.97 13.10 0.12
CA ASN A 348 -1.81 13.59 -0.95
C ASN A 348 -1.95 15.11 -0.92
N GLU A 349 -1.63 15.75 0.20
CA GLU A 349 -1.83 17.19 0.32
C GLU A 349 -0.57 17.97 -0.04
N ILE A 350 0.48 17.29 -0.54
CA ILE A 350 1.71 17.91 -1.02
C ILE A 350 1.72 17.73 -2.54
N ASP A 351 2.26 18.73 -3.27
CA ASP A 351 2.13 18.75 -4.73
C ASP A 351 2.97 17.69 -5.42
N HIS A 352 2.53 17.31 -6.64
CA HIS A 352 3.26 16.35 -7.47
C HIS A 352 4.66 16.87 -7.82
N HIS A 353 4.80 18.18 -8.06
CA HIS A 353 6.12 18.71 -8.43
C HIS A 353 7.16 18.36 -7.36
N PHE A 354 6.78 18.54 -6.08
CA PHE A 354 7.67 18.14 -5.01
C PHE A 354 7.93 16.65 -5.04
N TRP A 355 6.89 15.83 -5.15
CA TRP A 355 7.10 14.38 -5.06
C TRP A 355 7.98 13.86 -6.19
N ARG A 356 7.92 14.48 -7.36
CA ARG A 356 8.82 14.05 -8.45
C ARG A 356 10.26 14.39 -8.11
N LYS A 357 10.51 15.58 -7.55
CA LYS A 357 11.87 15.89 -7.12
C LYS A 357 12.33 14.96 -6.01
N PHE A 358 11.42 14.62 -5.10
CA PHE A 358 11.73 13.71 -4.01
C PHE A 358 12.07 12.32 -4.55
N HIS A 359 11.23 11.80 -5.44
CA HIS A 359 11.52 10.52 -6.10
C HIS A 359 12.91 10.51 -6.73
N ASP A 360 13.21 11.55 -7.53
CA ASP A 360 14.51 11.61 -8.21
C ASP A 360 15.67 11.59 -7.22
N ALA A 361 15.56 12.37 -6.15
CA ALA A 361 16.62 12.39 -5.14
C ALA A 361 16.79 11.04 -4.48
N MET A 362 15.67 10.38 -4.11
CA MET A 362 15.82 9.11 -3.40
C MET A 362 16.36 8.02 -4.31
N MET A 363 15.91 7.97 -5.57
CA MET A 363 16.38 6.91 -6.47
C MET A 363 17.84 7.11 -6.84
N ALA A 364 18.30 8.36 -6.88
CA ALA A 364 19.71 8.58 -7.15
C ALA A 364 20.56 8.08 -5.99
N LEU A 365 20.08 8.28 -4.75
CA LEU A 365 20.81 7.71 -3.62
C LEU A 365 20.72 6.19 -3.59
N LYS A 366 19.53 5.61 -3.86
CA LYS A 366 19.32 4.17 -3.67
C LYS A 366 18.34 3.69 -4.72
N PRO A 367 18.82 3.04 -5.79
CA PRO A 367 17.91 2.60 -6.85
C PRO A 367 16.73 1.73 -6.40
N ASP A 368 16.89 0.96 -5.33
CA ASP A 368 15.83 0.10 -4.82
C ASP A 368 15.05 0.73 -3.65
N PHE A 369 15.07 2.06 -3.53
CA PHE A 369 14.37 2.71 -2.42
C PHE A 369 12.87 2.48 -2.53
N TYR A 370 12.20 2.48 -1.37
CA TYR A 370 10.76 2.23 -1.28
C TYR A 370 10.11 3.51 -0.77
N ILE A 371 9.20 4.08 -1.56
CA ILE A 371 8.53 5.33 -1.19
C ILE A 371 7.04 5.01 -1.02
N LEU A 372 6.55 5.14 0.20
CA LEU A 372 5.21 4.71 0.57
C LEU A 372 4.39 5.93 0.99
N GLY A 373 3.33 6.25 0.23
CA GLY A 373 2.50 7.39 0.56
C GLY A 373 1.31 7.00 1.42
N GLN A 374 0.99 7.84 2.42
CA GLN A 374 -0.18 7.59 3.25
C GLN A 374 -1.36 8.35 2.64
N ILE A 375 -2.19 7.63 1.91
CA ILE A 375 -3.36 8.18 1.23
C ILE A 375 -4.50 7.19 1.41
N TRP A 376 -5.66 7.69 1.84
CA TRP A 376 -6.84 6.84 2.08
C TRP A 376 -7.70 6.60 0.83
N HIS A 377 -7.59 7.44 -0.18
CA HIS A 377 -8.46 7.36 -1.35
C HIS A 377 -7.68 6.82 -2.55
N THR A 378 -8.34 6.68 -3.68
CA THR A 378 -7.61 6.12 -4.81
C THR A 378 -6.45 7.04 -5.21
N SER A 379 -5.35 6.43 -5.62
CA SER A 379 -4.07 7.13 -5.67
C SER A 379 -3.37 6.96 -7.02
N GLN A 380 -4.12 6.77 -8.09
CA GLN A 380 -3.53 6.53 -9.40
C GLN A 380 -2.47 7.57 -9.77
N SER A 381 -2.74 8.85 -9.50
CA SER A 381 -1.83 9.87 -9.99
C SER A 381 -0.48 9.89 -9.28
N TRP A 382 -0.34 9.19 -8.15
CA TRP A 382 0.95 9.13 -7.46
C TRP A 382 1.70 7.84 -7.76
N LEU A 383 1.12 6.96 -8.59
CA LEU A 383 1.64 5.60 -8.75
C LEU A 383 1.97 5.30 -10.21
N VAL A 384 2.31 6.34 -10.97
CA VAL A 384 2.68 6.19 -12.38
C VAL A 384 4.10 5.64 -12.56
N GLY A 385 4.99 5.89 -11.60
CA GLY A 385 6.37 5.44 -11.65
C GLY A 385 7.35 6.55 -11.41
N ASP A 386 6.84 7.77 -11.28
CA ASP A 386 7.71 8.93 -11.10
C ASP A 386 7.59 9.57 -9.72
N GLU A 387 6.75 9.03 -8.84
CA GLU A 387 6.52 9.62 -7.52
C GLU A 387 6.65 8.53 -6.47
N PHE A 388 5.55 7.91 -6.05
CA PHE A 388 5.63 6.89 -5.00
C PHE A 388 5.84 5.49 -5.59
N THR A 389 6.29 4.57 -4.73
CA THR A 389 6.26 3.16 -5.08
C THR A 389 4.88 2.56 -4.82
N ALA A 390 4.23 2.99 -3.75
CA ALA A 390 2.96 2.41 -3.32
C ALA A 390 2.28 3.38 -2.37
N VAL A 391 1.05 3.04 -1.96
CA VAL A 391 0.39 3.75 -0.87
C VAL A 391 -0.05 2.74 0.18
N MET A 392 -0.34 3.26 1.37
N MET A 392 -0.39 3.25 1.35
CA MET A 392 -1.09 2.50 2.35
CA MET A 392 -0.96 2.38 2.38
C MET A 392 -2.38 2.01 1.71
C MET A 392 -2.39 2.02 1.98
N ASN A 393 -2.65 0.71 1.86
CA ASN A 393 -3.77 0.17 1.09
C ASN A 393 -5.11 0.18 1.85
N TYR A 394 -5.48 1.34 2.39
CA TYR A 394 -6.63 1.44 3.29
C TYR A 394 -7.93 0.95 2.67
N SER A 395 -8.18 1.26 1.40
CA SER A 395 -9.45 0.85 0.78
C SER A 395 -9.53 -0.67 0.69
N TYR A 396 -8.40 -1.32 0.44
CA TYR A 396 -8.37 -2.78 0.22
C TYR A 396 -8.57 -3.53 1.53
N THR A 397 -7.74 -3.21 2.55
CA THR A 397 -7.95 -3.82 3.86
C THR A 397 -9.27 -3.38 4.47
N GLY A 398 -9.76 -2.18 4.14
CA GLY A 398 -11.05 -1.75 4.64
C GLY A 398 -12.19 -2.61 4.11
N ALA A 399 -12.13 -2.99 2.83
CA ALA A 399 -13.12 -3.92 2.31
C ALA A 399 -13.03 -5.27 3.00
N ILE A 400 -11.79 -5.78 3.19
CA ILE A 400 -11.65 -7.06 3.89
C ILE A 400 -12.29 -7.01 5.27
N LEU A 401 -12.05 -5.93 6.00
CA LEU A 401 -12.62 -5.80 7.34
C LEU A 401 -14.13 -5.75 7.29
N GLN A 402 -14.68 -5.00 6.34
CA GLN A 402 -16.14 -4.91 6.23
C GLN A 402 -16.75 -6.28 5.98
N TYR A 403 -16.11 -7.09 5.14
CA TYR A 403 -16.62 -8.43 4.89
C TYR A 403 -16.59 -9.29 6.15
N PHE A 404 -15.44 -9.33 6.82
CA PHE A 404 -15.35 -10.25 7.95
C PHE A 404 -16.17 -9.80 9.15
N LEU A 405 -16.39 -8.50 9.30
CA LEU A 405 -17.03 -8.00 10.50
C LEU A 405 -18.50 -7.65 10.34
N GLU A 406 -19.00 -7.43 9.10
CA GLU A 406 -20.29 -6.77 8.92
C GLU A 406 -21.23 -7.51 7.97
N ASN A 407 -21.02 -8.80 7.72
CA ASN A 407 -21.97 -9.66 6.98
C ASN A 407 -22.22 -9.24 5.53
N GLU A 408 -21.25 -8.64 4.84
CA GLU A 408 -21.44 -8.42 3.42
C GLU A 408 -21.42 -9.76 2.68
N SER A 409 -21.88 -9.74 1.44
CA SER A 409 -21.75 -10.90 0.58
C SER A 409 -20.29 -11.10 0.18
N ALA A 410 -19.92 -12.35 -0.07
CA ALA A 410 -18.59 -12.58 -0.62
C ALA A 410 -18.46 -11.97 -2.02
N ASP A 411 -19.55 -11.92 -2.77
CA ASP A 411 -19.50 -11.28 -4.09
C ASP A 411 -19.07 -9.83 -3.96
N ALA A 412 -19.63 -9.12 -2.98
CA ALA A 412 -19.31 -7.72 -2.78
C ALA A 412 -17.82 -7.53 -2.47
N LEU A 413 -17.27 -8.35 -1.57
CA LEU A 413 -15.86 -8.24 -1.26
C LEU A 413 -15.01 -8.49 -2.50
N VAL A 414 -15.32 -9.54 -3.27
CA VAL A 414 -14.49 -9.84 -4.42
C VAL A 414 -14.60 -8.71 -5.45
N GLN A 415 -15.79 -8.13 -5.60
CA GLN A 415 -15.96 -6.98 -6.51
C GLN A 415 -15.05 -5.84 -6.10
N LYS A 416 -15.04 -5.51 -4.79
CA LYS A 416 -14.23 -4.38 -4.31
C LYS A 416 -12.73 -4.62 -4.51
N MET A 417 -12.26 -5.83 -4.17
CA MET A 417 -10.83 -6.11 -4.34
C MET A 417 -10.44 -6.07 -5.80
N SER A 418 -11.33 -6.57 -6.67
CA SER A 418 -11.06 -6.56 -8.10
C SER A 418 -10.98 -5.13 -8.62
N HIS A 419 -11.91 -4.27 -8.17
CA HIS A 419 -11.88 -2.87 -8.53
C HIS A 419 -10.54 -2.27 -8.18
N GLN A 420 -10.10 -2.47 -6.93
N GLN A 420 -10.06 -2.51 -6.96
CA GLN A 420 -8.81 -1.95 -6.48
CA GLN A 420 -8.82 -1.89 -6.51
C GLN A 420 -7.67 -2.39 -7.39
C GLN A 420 -7.61 -2.40 -7.29
N LEU A 421 -7.57 -3.69 -7.64
CA LEU A 421 -6.45 -4.17 -8.44
C LEU A 421 -6.46 -3.54 -9.83
N MET A 422 -7.64 -3.31 -10.41
CA MET A 422 -7.62 -2.77 -11.76
C MET A 422 -7.38 -1.28 -11.80
N LEU A 423 -7.31 -0.60 -10.66
CA LEU A 423 -6.87 0.79 -10.66
C LEU A 423 -5.39 0.98 -11.01
N TYR A 424 -4.53 -0.04 -10.86
CA TYR A 424 -3.12 0.21 -10.81
C TYR A 424 -2.39 -0.80 -11.68
N ARG A 425 -1.13 -0.50 -11.98
CA ARG A 425 -0.30 -1.43 -12.75
C ARG A 425 -0.06 -2.69 -11.91
N ASP A 426 0.13 -3.82 -12.61
CA ASP A 426 0.29 -5.10 -11.91
C ASP A 426 1.40 -5.04 -10.85
N ALA A 427 2.56 -4.47 -11.22
CA ALA A 427 3.68 -4.45 -10.29
C ALA A 427 3.38 -3.55 -9.09
N THR A 428 2.62 -2.47 -9.32
CA THR A 428 2.22 -1.59 -8.23
C THR A 428 1.40 -2.36 -7.20
N ASN A 429 0.48 -3.19 -7.66
CA ASN A 429 -0.38 -3.91 -6.72
C ASN A 429 0.44 -4.78 -5.76
N ARG A 430 1.60 -5.29 -6.20
N ARG A 430 1.61 -5.25 -6.21
CA ARG A 430 2.39 -6.11 -5.30
CA ARG A 430 2.44 -6.11 -5.39
C ARG A 430 3.13 -5.29 -4.24
C ARG A 430 3.28 -5.32 -4.40
N MET A 431 3.25 -3.97 -4.45
CA MET A 431 3.98 -3.10 -3.54
C MET A 431 3.08 -2.40 -2.53
N MET A 432 1.77 -2.44 -2.74
CA MET A 432 0.82 -1.80 -1.83
C MET A 432 0.98 -2.37 -0.42
N PHE A 433 0.79 -1.51 0.59
CA PHE A 433 1.09 -1.82 1.99
C PHE A 433 -0.20 -2.14 2.75
N ASN A 434 -0.36 -3.40 3.19
CA ASN A 434 -1.60 -3.88 3.77
C ASN A 434 -1.51 -3.99 5.28
N THR A 435 -2.30 -3.18 6.01
CA THR A 435 -2.36 -3.36 7.46
C THR A 435 -3.82 -3.30 7.88
N VAL A 436 -4.22 -4.16 8.81
CA VAL A 436 -5.62 -4.16 9.22
C VAL A 436 -5.87 -3.19 10.37
N ASP A 437 -4.82 -2.65 11.00
CA ASP A 437 -4.99 -1.63 12.00
C ASP A 437 -3.69 -0.84 12.12
N SER A 438 -3.73 0.21 12.92
CA SER A 438 -2.64 1.18 12.97
C SER A 438 -2.80 2.05 14.21
N HIS A 439 -1.91 3.03 14.32
CA HIS A 439 -1.95 3.99 15.41
C HIS A 439 -3.08 4.97 15.25
N ASP A 440 -3.85 4.85 14.18
CA ASP A 440 -4.95 5.77 13.95
C ASP A 440 -6.31 5.13 14.12
N THR A 441 -6.41 3.80 13.98
CA THR A 441 -7.70 3.12 13.97
C THR A 441 -7.83 2.14 15.14
N PRO A 442 -9.01 1.57 15.38
CA PRO A 442 -9.13 0.56 16.44
C PRO A 442 -8.32 -0.69 16.13
N ARG A 443 -7.88 -1.37 17.20
CA ARG A 443 -7.12 -2.60 17.05
C ARG A 443 -7.97 -3.75 16.53
N LEU A 444 -7.30 -4.63 15.77
CA LEU A 444 -7.93 -5.85 15.24
C LEU A 444 -8.73 -6.63 16.30
N MET A 445 -8.11 -6.92 17.44
CA MET A 445 -8.82 -7.75 18.39
C MET A 445 -10.07 -7.05 18.95
N THR A 446 -10.05 -5.72 19.02
CA THR A 446 -11.24 -4.97 19.44
C THR A 446 -12.29 -4.92 18.33
N LEU A 447 -11.86 -4.75 17.09
CA LEU A 447 -12.79 -4.82 15.97
C LEU A 447 -13.50 -6.17 15.93
N ALA A 448 -12.77 -7.23 16.26
CA ALA A 448 -13.28 -8.60 16.25
C ALA A 448 -14.03 -8.94 17.52
N HIS A 449 -14.24 -7.97 18.42
CA HIS A 449 -14.90 -8.23 19.72
C HIS A 449 -14.28 -9.43 20.43
N GLU A 450 -12.95 -9.49 20.38
CA GLU A 450 -12.13 -10.48 21.07
C GLU A 450 -12.42 -11.90 20.60
N ASP A 451 -13.02 -12.06 19.43
CA ASP A 451 -13.17 -13.35 18.77
C ASP A 451 -11.84 -13.66 18.08
N LYS A 452 -11.02 -14.48 18.74
CA LYS A 452 -9.68 -14.76 18.21
C LYS A 452 -9.73 -15.50 16.88
N GLN A 453 -10.74 -16.36 16.70
CA GLN A 453 -10.83 -17.08 15.44
C GLN A 453 -11.07 -16.12 14.27
N LEU A 454 -11.96 -15.15 14.48
CA LEU A 454 -12.21 -14.13 13.47
C LEU A 454 -10.95 -13.30 13.19
N ALA A 455 -10.22 -12.92 14.24
CA ALA A 455 -8.98 -12.17 14.02
C ALA A 455 -8.01 -12.97 13.17
N LYS A 456 -7.87 -14.28 13.47
CA LYS A 456 -6.96 -15.11 12.68
C LYS A 456 -7.43 -15.20 11.22
N SER A 457 -8.74 -15.27 11.01
CA SER A 457 -9.26 -15.34 9.64
C SER A 457 -8.89 -14.09 8.86
N ILE A 458 -9.15 -12.92 9.46
CA ILE A 458 -8.84 -11.64 8.83
C ILE A 458 -7.35 -11.54 8.50
N LEU A 459 -6.50 -11.86 9.47
CA LEU A 459 -5.05 -11.79 9.22
C LEU A 459 -4.63 -12.72 8.07
N THR A 460 -5.13 -13.95 8.07
CA THR A 460 -4.72 -14.91 7.04
C THR A 460 -5.20 -14.48 5.66
N PHE A 461 -6.46 -14.05 5.59
CA PHE A 461 -6.99 -13.58 4.31
C PHE A 461 -6.15 -12.43 3.77
N THR A 462 -5.77 -11.50 4.67
CA THR A 462 -4.99 -10.35 4.23
C THR A 462 -3.58 -10.76 3.78
N PHE A 463 -2.95 -11.67 4.53
CA PHE A 463 -1.62 -12.14 4.18
C PHE A 463 -1.62 -12.96 2.89
N MET A 464 -2.77 -13.43 2.39
CA MET A 464 -2.74 -14.06 1.08
C MET A 464 -2.82 -13.07 -0.10
N GLN A 465 -3.05 -11.78 0.16
CA GLN A 465 -3.30 -10.81 -0.90
C GLN A 465 -2.01 -10.37 -1.61
N PRO A 466 -2.13 -9.77 -2.80
CA PRO A 466 -0.92 -9.38 -3.56
C PRO A 466 -0.02 -8.40 -2.83
N GLY A 467 -0.57 -7.47 -2.05
CA GLY A 467 0.25 -6.47 -1.41
C GLY A 467 1.08 -7.02 -0.26
N VAL A 468 2.00 -6.19 0.21
CA VAL A 468 2.91 -6.59 1.28
C VAL A 468 2.26 -6.35 2.65
N PRO A 469 2.31 -7.32 3.56
CA PRO A 469 1.59 -7.18 4.82
C PRO A 469 2.43 -6.57 5.93
N SER A 470 1.72 -6.01 6.91
CA SER A 470 2.32 -5.38 8.08
C SER A 470 1.52 -5.74 9.33
N ILE A 471 2.23 -5.89 10.45
CA ILE A 471 1.65 -6.20 11.76
C ILE A 471 1.87 -4.98 12.64
N TYR A 472 0.80 -4.46 13.22
CA TYR A 472 0.93 -3.34 14.16
C TYR A 472 1.36 -3.90 15.52
N TYR A 473 2.32 -3.23 16.17
CA TYR A 473 2.96 -3.80 17.36
C TYR A 473 1.90 -4.30 18.34
N GLY A 474 2.09 -5.52 18.85
CA GLY A 474 1.19 -6.10 19.81
C GLY A 474 0.05 -6.93 19.23
N THR A 475 -0.19 -6.84 17.92
CA THR A 475 -1.18 -7.72 17.28
C THR A 475 -0.89 -9.18 17.57
N GLU A 476 0.41 -9.52 17.62
CA GLU A 476 0.82 -10.91 17.80
C GLU A 476 0.50 -11.44 19.19
N TYR A 477 0.15 -10.58 20.16
CA TYR A 477 -0.25 -11.02 21.49
C TYR A 477 -1.71 -10.70 21.80
N GLY A 478 -2.47 -10.22 20.81
CA GLY A 478 -3.89 -9.98 20.96
C GLY A 478 -4.25 -8.70 21.68
N MET A 479 -3.43 -7.66 21.54
CA MET A 479 -3.69 -6.41 22.24
C MET A 479 -4.98 -5.77 21.79
N THR A 480 -5.71 -5.19 22.73
CA THR A 480 -6.97 -4.52 22.44
C THR A 480 -6.83 -3.02 22.43
N GLY A 481 -7.80 -2.35 21.81
CA GLY A 481 -7.83 -0.90 21.87
C GLY A 481 -8.82 -0.27 20.91
N GLU A 482 -9.54 0.74 21.37
CA GLU A 482 -10.39 1.55 20.50
C GLU A 482 -9.51 2.54 19.72
N ASN A 483 -10.15 3.56 19.15
N ASN A 483 -10.10 3.48 19.02
CA ASN A 483 -9.46 4.58 18.37
CA ASN A 483 -9.25 4.35 18.21
C ASN A 483 -8.43 5.33 19.20
C ASN A 483 -8.48 5.34 19.09
N ASP A 484 -7.46 5.94 18.49
CA ASP A 484 -6.48 6.87 19.06
C ASP A 484 -7.13 7.77 20.10
N PRO A 485 -6.62 7.83 21.36
CA PRO A 485 -5.34 7.28 21.84
C PRO A 485 -5.37 5.85 22.36
N ASP A 486 -6.53 5.20 22.32
CA ASP A 486 -6.66 3.91 22.98
C ASP A 486 -5.97 2.80 22.22
N ASP A 487 -5.65 3.01 20.94
CA ASP A 487 -4.92 2.01 20.16
C ASP A 487 -3.41 2.09 20.37
N ARG A 488 -2.96 2.92 21.34
CA ARG A 488 -1.55 3.17 21.57
C ARG A 488 -1.13 2.73 22.97
N LYS A 489 -1.64 1.58 23.42
CA LYS A 489 -1.31 1.09 24.77
C LYS A 489 0.16 0.66 24.85
N PRO A 490 0.77 0.79 26.02
CA PRO A 490 2.10 0.18 26.22
C PRO A 490 2.09 -1.29 25.81
N MET A 491 3.13 -1.68 25.06
CA MET A 491 3.26 -3.05 24.58
C MET A 491 3.19 -4.05 25.74
N VAL A 492 2.56 -5.18 25.50
CA VAL A 492 2.38 -6.18 26.55
C VAL A 492 3.61 -7.09 26.58
N TRP A 493 4.44 -6.93 27.62
CA TRP A 493 5.62 -7.77 27.78
C TRP A 493 5.48 -8.79 28.89
N GLN A 494 4.39 -8.73 29.65
CA GLN A 494 4.16 -9.66 30.74
C GLN A 494 3.52 -10.93 30.17
N PRO A 495 4.22 -12.06 30.24
CA PRO A 495 3.69 -13.32 29.67
C PRO A 495 2.30 -13.70 30.15
N GLU A 496 1.94 -13.41 31.40
CA GLU A 496 0.60 -13.75 31.86
C GLU A 496 -0.49 -12.94 31.15
N LEU A 497 -0.13 -11.86 30.47
CA LEU A 497 -1.08 -11.03 29.75
C LEU A 497 -1.05 -11.26 28.23
N GLN A 498 -0.12 -12.06 27.75
CA GLN A 498 0.05 -12.31 26.31
C GLN A 498 -0.73 -13.54 25.86
N ASP A 499 -1.34 -13.45 24.69
CA ASP A 499 -1.98 -14.60 24.05
C ASP A 499 -0.90 -15.40 23.30
N HIS A 500 -0.39 -16.45 23.95
CA HIS A 500 0.67 -17.27 23.35
C HIS A 500 0.19 -18.06 22.14
N ASP A 501 -1.07 -18.49 22.16
CA ASP A 501 -1.62 -19.23 21.03
C ASP A 501 -1.59 -18.38 19.78
N LEU A 502 -2.05 -17.14 19.92
CA LEU A 502 -2.04 -16.21 18.79
C LEU A 502 -0.63 -15.91 18.31
N TYR A 503 0.32 -15.78 19.25
CA TYR A 503 1.70 -15.58 18.83
C TYR A 503 2.22 -16.74 17.99
N ASP A 504 1.98 -17.97 18.46
N ASP A 504 1.99 -17.98 18.46
CA ASP A 504 2.40 -19.14 17.69
CA ASP A 504 2.40 -19.15 17.69
C ASP A 504 1.76 -19.15 16.31
C ASP A 504 1.76 -19.14 16.31
N PHE A 505 0.47 -18.79 16.25
CA PHE A 505 -0.23 -18.75 14.97
C PHE A 505 0.40 -17.72 14.04
N MET A 506 0.71 -16.54 14.56
N MET A 506 0.70 -16.53 14.56
CA MET A 506 1.29 -15.48 13.75
CA MET A 506 1.28 -15.48 13.74
C MET A 506 2.64 -15.89 13.20
C MET A 506 2.64 -15.89 13.20
N GLN A 507 3.44 -16.60 14.01
CA GLN A 507 4.71 -17.12 13.51
C GLN A 507 4.48 -18.04 12.30
N LYS A 508 3.53 -18.96 12.45
CA LYS A 508 3.22 -19.88 11.34
C LYS A 508 2.74 -19.13 10.09
N LEU A 509 1.88 -18.12 10.28
CA LEU A 509 1.34 -17.37 9.13
C LEU A 509 2.43 -16.56 8.43
N VAL A 510 3.31 -15.93 9.21
CA VAL A 510 4.42 -15.22 8.61
C VAL A 510 5.29 -16.18 7.81
N GLN A 511 5.47 -17.40 8.32
N GLN A 511 5.48 -17.39 8.34
CA GLN A 511 6.28 -18.35 7.56
CA GLN A 511 6.24 -18.42 7.64
C GLN A 511 5.60 -18.79 6.28
C GLN A 511 5.59 -18.76 6.30
N VAL A 512 4.28 -18.97 6.29
CA VAL A 512 3.60 -19.29 5.03
C VAL A 512 3.79 -18.15 4.03
N ARG A 513 3.71 -16.91 4.51
CA ARG A 513 3.90 -15.76 3.63
C ARG A 513 5.30 -15.71 3.04
N ARG A 514 6.32 -15.81 3.89
CA ARG A 514 7.68 -15.58 3.40
C ARG A 514 8.25 -16.80 2.68
N GLN A 515 7.91 -18.01 3.10
CA GLN A 515 8.54 -19.20 2.55
C GLN A 515 7.73 -19.85 1.44
N VAL A 516 6.44 -19.60 1.37
CA VAL A 516 5.62 -20.25 0.36
C VAL A 516 5.10 -19.22 -0.63
N ILE A 517 4.29 -18.28 -0.14
CA ILE A 517 3.60 -17.36 -1.05
C ILE A 517 4.61 -16.50 -1.81
N ALA A 518 5.55 -15.89 -1.08
CA ALA A 518 6.50 -14.95 -1.69
C ALA A 518 7.47 -15.61 -2.65
N LYS A 519 7.62 -16.94 -2.63
CA LYS A 519 8.56 -17.65 -3.49
C LYS A 519 7.92 -18.15 -4.77
N LEU A 520 6.61 -17.98 -4.95
CA LEU A 520 5.99 -18.18 -6.25
C LEU A 520 6.65 -17.27 -7.28
N SER A 521 6.59 -17.68 -8.54
CA SER A 521 7.22 -16.94 -9.63
C SER A 521 6.13 -16.38 -10.55
N ASP A 522 6.03 -15.05 -10.59
CA ASP A 522 5.04 -14.32 -11.39
C ASP A 522 3.66 -14.99 -11.32
N ASP A 523 3.20 -15.16 -10.09
CA ASP A 523 1.95 -15.85 -9.83
C ASP A 523 0.76 -14.95 -10.18
N LYS A 524 -0.40 -15.58 -10.29
CA LYS A 524 -1.65 -14.85 -10.43
C LYS A 524 -2.50 -15.16 -9.21
N ILE A 525 -3.48 -14.30 -8.96
CA ILE A 525 -4.44 -14.50 -7.89
C ILE A 525 -5.80 -14.75 -8.51
N ILE A 526 -6.56 -15.66 -7.91
CA ILE A 526 -7.90 -15.99 -8.36
C ILE A 526 -8.83 -15.91 -7.16
N PHE A 527 -9.93 -15.18 -7.32
CA PHE A 527 -11.00 -15.08 -6.32
C PHE A 527 -12.18 -15.92 -6.79
N ASP A 528 -12.57 -16.92 -6.01
CA ASP A 528 -13.76 -17.71 -6.31
C ASP A 528 -14.75 -17.57 -5.16
N VAL A 529 -15.98 -17.20 -5.47
CA VAL A 529 -17.08 -17.27 -4.52
C VAL A 529 -17.69 -18.65 -4.69
N ILE A 530 -17.50 -19.51 -3.69
CA ILE A 530 -17.99 -20.88 -3.76
C ILE A 530 -19.24 -21.10 -2.94
N GLY A 531 -19.64 -20.13 -2.14
CA GLY A 531 -20.92 -20.27 -1.46
C GLY A 531 -21.25 -19.00 -0.73
N GLU A 532 -22.37 -19.02 -0.02
CA GLU A 532 -22.75 -17.83 0.71
C GLU A 532 -21.75 -17.57 1.83
N ARG A 533 -21.03 -16.45 1.70
CA ARG A 533 -19.93 -16.10 2.59
C ARG A 533 -18.88 -17.22 2.65
N GLN A 534 -18.62 -17.83 1.49
CA GLN A 534 -17.55 -18.82 1.37
C GLN A 534 -16.70 -18.46 0.16
N ILE A 535 -15.39 -18.30 0.41
CA ILE A 535 -14.45 -17.78 -0.58
C ILE A 535 -13.29 -18.76 -0.71
N ARG A 536 -12.89 -19.02 -1.96
CA ARG A 536 -11.66 -19.73 -2.25
C ARG A 536 -10.69 -18.73 -2.89
N LEU A 537 -9.54 -18.56 -2.26
CA LEU A 537 -8.45 -17.73 -2.77
C LEU A 537 -7.35 -18.62 -3.33
N THR A 538 -6.87 -18.34 -4.54
CA THR A 538 -5.76 -19.13 -5.09
C THR A 538 -4.63 -18.21 -5.53
N ARG A 539 -3.40 -18.57 -5.18
CA ARG A 539 -2.20 -17.98 -5.75
C ARG A 539 -1.47 -19.09 -6.50
N GLU A 540 -1.23 -18.91 -7.79
CA GLU A 540 -0.60 -20.00 -8.53
C GLU A 540 0.37 -19.49 -9.58
N ASP A 541 1.50 -20.18 -9.68
CA ASP A 541 2.48 -19.95 -10.74
C ASP A 541 2.45 -21.15 -11.70
N ASN A 542 3.57 -21.40 -12.40
CA ASN A 542 3.60 -22.47 -13.39
C ASN A 542 3.75 -23.86 -12.79
N GLN A 543 4.23 -23.98 -11.56
CA GLN A 543 4.42 -25.27 -10.92
C GLN A 543 3.50 -25.51 -9.73
N THR A 544 3.18 -24.47 -8.97
CA THR A 544 2.63 -24.62 -7.63
C THR A 544 1.39 -23.77 -7.43
N ARG A 545 0.40 -24.33 -6.75
CA ARG A 545 -0.87 -23.67 -6.46
C ARG A 545 -1.02 -23.65 -4.94
N ILE A 546 -1.33 -22.48 -4.39
CA ILE A 546 -1.63 -22.32 -2.96
C ILE A 546 -3.08 -21.90 -2.86
N VAL A 547 -3.90 -22.69 -2.16
CA VAL A 547 -5.33 -22.49 -2.10
C VAL A 547 -5.73 -22.23 -0.65
N GLY A 548 -6.57 -21.23 -0.44
CA GLY A 548 -7.13 -21.01 0.86
C GLY A 548 -8.64 -20.99 0.76
N VAL A 549 -9.32 -21.72 1.64
CA VAL A 549 -10.78 -21.70 1.68
C VAL A 549 -11.20 -21.07 3.00
N PHE A 550 -12.12 -20.11 2.94
CA PHE A 550 -12.59 -19.38 4.11
C PHE A 550 -14.09 -19.55 4.22
N ASN A 551 -14.53 -20.17 5.33
CA ASN A 551 -15.96 -20.37 5.56
C ASN A 551 -16.40 -19.33 6.59
N ASN A 552 -17.10 -18.30 6.12
CA ASN A 552 -17.59 -17.27 7.03
C ASN A 552 -19.11 -17.16 7.02
N GLY A 553 -19.79 -18.25 6.64
CA GLY A 553 -21.23 -18.37 6.80
C GLY A 553 -21.57 -18.94 8.16
N THR A 554 -22.80 -19.42 8.29
CA THR A 554 -23.26 -20.00 9.55
C THR A 554 -23.36 -21.52 9.53
N THR A 555 -23.02 -22.17 8.41
CA THR A 555 -23.08 -23.62 8.32
C THR A 555 -21.67 -24.20 8.22
N ASP A 556 -21.58 -25.52 8.41
CA ASP A 556 -20.35 -26.23 8.14
C ASP A 556 -20.13 -26.37 6.63
N LEU A 557 -18.86 -26.44 6.25
CA LEU A 557 -18.44 -26.61 4.86
C LEU A 557 -17.48 -27.79 4.76
N THR A 558 -17.77 -28.72 3.84
CA THR A 558 -16.91 -29.86 3.58
C THR A 558 -16.07 -29.59 2.34
N VAL A 559 -14.78 -29.90 2.44
CA VAL A 559 -13.88 -29.81 1.30
C VAL A 559 -13.14 -31.13 1.15
N ALA A 560 -12.62 -31.35 -0.04
CA ALA A 560 -11.79 -32.53 -0.29
C ALA A 560 -10.55 -32.47 0.59
N GLN A 561 -10.18 -33.63 1.18
CA GLN A 561 -9.00 -33.67 2.02
C GLN A 561 -7.76 -33.30 1.19
N PRO A 562 -7.09 -32.19 1.50
CA PRO A 562 -5.85 -31.87 0.79
C PRO A 562 -4.73 -32.80 1.22
N THR A 563 -3.85 -33.10 0.26
CA THR A 563 -2.68 -33.92 0.55
C THR A 563 -1.66 -33.18 1.44
N SER A 564 -1.57 -31.86 1.29
CA SER A 564 -0.51 -31.07 1.94
C SER A 564 -1.14 -29.81 2.54
N ILE A 565 -1.64 -29.93 3.78
CA ILE A 565 -2.18 -28.78 4.49
C ILE A 565 -1.04 -27.94 5.05
N LEU A 566 -1.07 -26.64 4.81
CA LEU A 566 -0.10 -25.68 5.36
C LEU A 566 -0.57 -25.05 6.66
N LEU A 567 -1.87 -24.73 6.77
CA LEU A 567 -2.36 -23.99 7.92
C LEU A 567 -3.87 -24.16 8.00
N LYS A 568 -4.39 -24.46 9.20
CA LYS A 568 -5.83 -24.56 9.35
C LYS A 568 -6.19 -24.32 10.80
N THR A 569 -7.46 -24.00 11.03
CA THR A 569 -7.92 -23.79 12.40
C THR A 569 -8.76 -24.91 12.97
N ASN A 570 -9.41 -25.72 12.14
CA ASN A 570 -10.17 -26.87 12.62
C ASN A 570 -9.25 -28.08 12.76
N GLN A 571 -9.56 -28.95 13.74
CA GLN A 571 -8.85 -30.22 13.87
CA GLN A 571 -8.77 -30.17 13.83
C GLN A 571 -9.03 -31.11 12.65
N SER A 572 -10.17 -30.96 11.97
CA SER A 572 -10.50 -31.81 10.82
C SER A 572 -9.71 -31.37 9.59
N GLU A 573 -9.40 -32.35 8.74
CA GLU A 573 -8.77 -32.09 7.45
C GLU A 573 -9.80 -31.99 6.33
N THR A 574 -11.09 -32.05 6.64
CA THR A 574 -12.14 -31.97 5.63
C THR A 574 -13.26 -31.03 6.03
N GLN A 575 -13.46 -30.76 7.31
CA GLN A 575 -14.60 -29.99 7.80
C GLN A 575 -14.14 -28.60 8.21
N LEU A 576 -14.85 -27.58 7.73
CA LEU A 576 -14.66 -26.19 8.15
C LEU A 576 -15.94 -25.69 8.81
N ALA A 577 -15.87 -25.40 10.10
CA ALA A 577 -16.98 -24.82 10.83
C ALA A 577 -17.02 -23.32 10.56
N PRO A 578 -18.09 -22.65 10.98
CA PRO A 578 -18.16 -21.19 10.82
C PRO A 578 -16.91 -20.47 11.32
N ASN A 579 -16.32 -19.68 10.43
CA ASN A 579 -15.11 -18.84 10.60
C ASN A 579 -13.82 -19.65 10.59
N ASP A 580 -13.87 -20.94 10.25
CA ASP A 580 -12.65 -21.68 9.99
C ASP A 580 -12.10 -21.38 8.60
N PHE A 581 -10.81 -21.63 8.44
CA PHE A 581 -10.21 -21.58 7.12
C PHE A 581 -9.22 -22.73 6.99
N MET A 582 -8.87 -23.04 5.75
CA MET A 582 -7.80 -24.02 5.53
C MET A 582 -6.97 -23.60 4.33
N ILE A 583 -5.64 -23.69 4.48
CA ILE A 583 -4.68 -23.32 3.44
C ILE A 583 -3.91 -24.58 3.08
N TRP A 584 -3.80 -24.87 1.79
CA TRP A 584 -3.00 -26.01 1.35
C TRP A 584 -2.25 -25.67 0.06
N THR A 585 -1.39 -26.60 -0.33
CA THR A 585 -0.56 -26.45 -1.51
C THR A 585 -0.70 -27.69 -2.40
N GLU A 586 -0.66 -27.51 -3.71
CA GLU A 586 -0.77 -28.64 -4.62
C GLU A 586 -0.04 -28.33 -5.92
N PRO A 587 0.46 -29.34 -6.62
CA PRO A 587 1.08 -29.08 -7.92
C PRO A 587 0.04 -28.87 -9.01
N VAL A 588 0.38 -28.05 -9.99
CA VAL A 588 -0.55 -27.71 -11.06
C VAL A 588 -0.44 -28.76 -12.17
N ARG A 589 -1.57 -29.32 -12.57
CA ARG A 589 -1.60 -30.34 -13.61
C ARG A 589 -2.25 -29.81 -14.89
C1 GLC B . -6.63 12.08 7.45
C2 GLC B . -5.25 12.27 6.79
C3 GLC B . -4.19 11.40 7.39
C4 GLC B . -4.09 11.66 8.87
C5 GLC B . -5.46 11.40 9.51
C6 GLC B . -5.45 11.70 10.97
O1 GLC B . -7.06 10.79 7.21
O2 GLC B . -5.34 12.01 5.37
O3 GLC B . -2.94 11.67 6.71
O4 GLC B . -3.21 10.74 9.55
O5 GLC B . -6.55 12.23 8.92
O6 GLC B . -6.71 11.30 11.42
C1 GLC B . -1.87 11.06 9.55
C2 GLC B . -1.14 10.25 10.63
C3 GLC B . -1.74 10.64 11.96
C4 GLC B . -1.40 12.06 12.29
C5 GLC B . -1.91 13.00 11.18
C6 GLC B . -1.28 14.37 11.25
O2 GLC B . -1.30 8.84 10.34
O3 GLC B . -1.26 9.74 13.00
O4 GLC B . -2.06 12.39 13.50
O5 GLC B . -1.65 12.47 9.82
O6 GLC B . 0.12 14.30 11.04
C1 AC1 B . -1.23 12.92 14.50
O2 AC1 B . -1.07 10.77 15.53
C2 AC1 B . -1.45 12.13 15.78
C4A AC1 B . -8.37 12.95 17.66
C3 AC1 B . -2.88 12.20 16.23
O3 AC1 B . -2.93 11.61 17.57
C4 AC1 B . -3.28 13.65 16.34
N4A AC1 B . -4.66 13.84 16.90
C5 AC1 B . -3.03 14.45 15.04
O5 AC1 B . -1.60 14.32 14.67
C6 AC1 B . -3.32 15.90 15.22
C1B AC1 B . -5.83 13.48 16.12
C2B AC1 B . -6.99 14.68 16.41
O2B AC1 B . -6.25 15.93 16.59
C3B AC1 B . -7.75 14.53 17.48
O3B AC1 B . -8.88 15.46 17.45
O4 AC1 B . -9.18 12.88 18.78
C5B AC1 B . -7.26 12.11 17.81
C7B AC1 B . -6.28 12.18 16.55
C6B AC1 B . -6.67 12.03 19.22
O6B AC1 B . -5.88 13.18 19.43
O1 MES C . 1.20 -4.03 36.90
C2 MES C . 0.14 -4.82 36.35
C3 MES C . 0.64 -5.70 35.20
N4 MES C . 1.49 -4.90 34.33
C5 MES C . 2.60 -4.20 34.93
C6 MES C . 1.93 -3.27 35.93
C7 MES C . 1.58 -5.33 32.92
C8 MES C . 3.02 -5.23 32.44
S MES C . 3.06 -5.08 30.77
O1S MES C . 4.44 -5.30 30.26
O2S MES C . 2.65 -3.70 30.43
O3S MES C . 2.21 -6.10 30.14
C1 GOL D . -5.40 2.88 -3.05
O1 GOL D . -6.67 2.54 -3.68
C2 GOL D . -5.29 2.56 -1.50
O2 GOL D . -6.16 1.58 -1.04
C3 GOL D . -5.40 3.96 -0.75
O3 GOL D . -6.07 3.69 0.49
O1 MES E . -18.48 -13.58 24.25
C2 MES E . -19.13 -12.56 25.01
C3 MES E . -18.91 -11.19 24.39
N4 MES E . -17.49 -11.01 24.04
C5 MES E . -16.69 -12.11 23.51
C6 MES E . -17.07 -13.41 24.20
C7 MES E . -17.22 -9.70 23.46
C8 MES E . -16.20 -8.94 24.30
S MES E . -16.28 -7.35 23.81
O1S MES E . -14.91 -6.85 23.55
O2S MES E . -17.09 -7.25 22.57
O3S MES E . -16.92 -6.52 24.85
CA CA F . 12.89 5.99 28.02
S SO4 G . -11.31 6.50 -17.72
O1 SO4 G . -10.35 6.62 -18.82
O2 SO4 G . -12.65 6.33 -18.24
O3 SO4 G . -10.93 5.35 -16.90
O4 SO4 G . -11.23 7.73 -16.92
S SO4 H . 22.43 14.13 18.58
O1 SO4 H . 23.57 13.26 18.33
O2 SO4 H . 22.46 15.25 17.65
O3 SO4 H . 21.21 13.33 18.39
O4 SO4 H . 22.47 14.66 19.95
S SO4 I . 13.15 -10.25 23.36
O1 SO4 I . 13.80 -9.62 22.19
O2 SO4 I . 12.98 -11.68 23.09
O3 SO4 I . 11.82 -9.68 23.61
O4 SO4 I . 13.99 -10.07 24.54
S SO4 J . -15.02 27.02 23.02
O1 SO4 J . -15.20 27.04 21.57
O2 SO4 J . -14.33 28.21 23.47
O3 SO4 J . -14.24 25.84 23.43
O4 SO4 J . -16.34 26.95 23.65
S SO4 K . 10.94 17.09 29.48
O1 SO4 K . 12.11 16.22 29.36
O2 SO4 K . 10.78 17.88 28.26
O3 SO4 K . 9.75 16.28 29.66
O4 SO4 K . 11.13 18.00 30.61
S SO4 L . -24.72 -27.25 9.27
O1 SO4 L . -23.91 -27.69 8.13
O2 SO4 L . -25.98 -26.69 8.80
O3 SO4 L . -24.99 -28.40 10.13
O4 SO4 L . -24.01 -26.23 10.02
#